data_3AQJ
#
_entry.id   3AQJ
#
_cell.length_a   66.912
_cell.length_b   64.463
_cell.length_c   67.186
_cell.angle_alpha   90.00
_cell.angle_beta   91.32
_cell.angle_gamma   90.00
#
_symmetry.space_group_name_H-M   'P 1 21 1'
#
loop_
_entity.id
_entity.type
_entity.pdbx_description
1 polymer 'Baseplate assembly protein V'
2 non-polymer 'FE (II) ION'
3 non-polymer 'CHLORIDE ION'
4 non-polymer 'CALCIUM ION'
5 water water
#
_entity_poly.entity_id   1
_entity_poly.type   'polypeptide(L)'
_entity_poly.pdbx_seq_one_letter_code
;MHHHHHHHHSGDNPSPSVSADALHIRFPDGAVIEYEPETSALTVSGIKTASVTASGSVTATVPVVMVKASTRVTLDTPEV
VCTNRLITGTLEVQKGGTMRGNIEHTGGELSSNGKVLHTHKHPGDSGGTTGSPL
;
_entity_poly.pdbx_strand_id   A,B,C,P,Q,R
#
loop_
_chem_comp.id
_chem_comp.type
_chem_comp.name
_chem_comp.formula
CA non-polymer 'CALCIUM ION' 'Ca 2'
CL non-polymer 'CHLORIDE ION' 'Cl -1'
FE2 non-polymer 'FE (II) ION' 'Fe 2'
#
# COMPACT_ATOMS: atom_id res chain seq x y z
N VAL A 18 -17.63 18.67 20.77
CA VAL A 18 -16.54 19.22 19.89
C VAL A 18 -15.27 18.44 19.86
N SER A 19 -14.57 18.40 20.91
CA SER A 19 -13.38 17.51 21.08
C SER A 19 -13.69 16.35 21.89
N ALA A 20 -13.31 15.28 21.39
CA ALA A 20 -13.62 13.94 22.06
C ALA A 20 -12.33 13.14 22.11
N ASP A 21 -12.12 12.35 23.17
CA ASP A 21 -10.91 11.53 23.32
C ASP A 21 -10.87 10.38 22.34
N ALA A 22 -12.01 9.95 21.99
CA ALA A 22 -12.20 8.76 21.06
C ALA A 22 -13.67 8.74 20.81
N LEU A 23 -14.03 7.72 20.11
CA LEU A 23 -15.49 7.57 19.88
C LEU A 23 -15.78 6.06 19.99
N HIS A 24 -16.75 5.68 20.81
CA HIS A 24 -17.20 4.31 20.81
C HIS A 24 -18.69 4.40 20.94
N ILE A 25 -19.43 3.99 19.95
CA ILE A 25 -20.88 3.92 20.05
C ILE A 25 -21.26 2.41 19.80
N ARG A 26 -21.85 1.80 20.77
CA ARG A 26 -22.24 0.36 20.69
C ARG A 26 -23.74 0.27 20.62
N PHE A 27 -24.33 -0.61 19.86
CA PHE A 27 -25.78 -0.68 19.67
C PHE A 27 -26.27 -2.03 20.19
N PRO A 28 -27.56 -2.12 20.46
CA PRO A 28 -28.06 -3.32 21.16
C PRO A 28 -28.04 -4.50 20.29
N ASP A 29 -27.87 -4.38 18.98
CA ASP A 29 -27.78 -5.50 18.06
C ASP A 29 -26.36 -6.02 17.92
N GLY A 30 -25.42 -5.49 18.69
CA GLY A 30 -24.02 -5.94 18.65
C GLY A 30 -23.13 -5.13 17.71
N ALA A 31 -23.70 -4.18 16.94
CA ALA A 31 -22.86 -3.35 16.06
C ALA A 31 -22.14 -2.27 16.77
N VAL A 32 -21.04 -1.79 16.20
CA VAL A 32 -20.24 -0.73 16.80
C VAL A 32 -19.85 0.27 15.71
N ILE A 33 -19.75 1.50 16.11
CA ILE A 33 -19.14 2.65 15.35
C ILE A 33 -18.09 3.20 16.23
N GLU A 34 -16.86 3.19 15.82
CA GLU A 34 -15.75 3.65 16.74
C GLU A 34 -14.69 4.35 15.98
N TYR A 35 -14.04 5.27 16.66
CA TYR A 35 -12.77 5.89 16.22
C TYR A 35 -11.75 5.78 17.33
N GLU A 36 -10.60 5.13 17.08
CA GLU A 36 -9.56 4.90 18.05
C GLU A 36 -8.36 5.68 17.65
N PRO A 37 -8.06 6.78 18.36
CA PRO A 37 -6.87 7.62 17.97
C PRO A 37 -5.55 6.90 18.17
N GLU A 38 -5.43 5.86 18.99
CA GLU A 38 -4.16 5.20 19.19
C GLU A 38 -3.69 4.54 17.91
N THR A 39 -4.61 3.89 17.20
CA THR A 39 -4.31 3.21 15.95
C THR A 39 -4.78 4.09 14.79
N SER A 40 -5.48 5.18 15.04
CA SER A 40 -6.06 6.10 14.05
C SER A 40 -7.05 5.33 13.10
N ALA A 41 -7.83 4.45 13.70
CA ALA A 41 -8.72 3.57 12.93
C ALA A 41 -10.22 3.94 13.16
N LEU A 42 -10.94 4.22 12.07
CA LEU A 42 -12.43 4.32 12.11
C LEU A 42 -13.00 3.03 11.71
N THR A 43 -13.84 2.47 12.55
CA THR A 43 -14.40 1.14 12.27
C THR A 43 -15.92 1.25 12.40
N VAL A 44 -16.60 0.69 11.42
CA VAL A 44 -18.06 0.46 11.52
C VAL A 44 -18.20 -1.08 11.33
N SER A 45 -18.64 -1.81 12.32
CA SER A 45 -18.68 -3.22 12.21
C SER A 45 -19.88 -3.83 12.82
N GLY A 46 -20.21 -5.06 12.42
CA GLY A 46 -21.29 -5.78 13.02
C GLY A 46 -22.64 -5.34 12.51
N ILE A 47 -22.70 -4.66 11.40
CA ILE A 47 -23.98 -4.22 10.80
C ILE A 47 -24.44 -5.25 9.79
N LYS A 48 -25.70 -5.16 9.40
CA LYS A 48 -26.19 -5.95 8.25
C LYS A 48 -26.07 -5.20 6.93
N THR A 49 -26.48 -3.96 6.94
CA THR A 49 -26.40 -3.14 5.73
C THR A 49 -25.89 -1.77 6.01
N ALA A 50 -25.27 -1.19 4.99
CA ALA A 50 -25.00 0.29 4.95
C ALA A 50 -25.47 0.76 3.64
N SER A 51 -26.04 1.95 3.64
CA SER A 51 -26.49 2.63 2.39
C SER A 51 -26.16 4.08 2.50
N VAL A 52 -25.59 4.61 1.48
CA VAL A 52 -25.33 6.09 1.37
C VAL A 52 -25.98 6.59 0.09
N THR A 53 -26.79 7.61 0.21
CA THR A 53 -27.45 8.24 -0.94
C THR A 53 -27.07 9.70 -0.93
N ALA A 54 -26.46 10.16 -2.05
CA ALA A 54 -25.91 11.51 -2.18
C ALA A 54 -26.24 12.01 -3.56
N SER A 55 -26.37 13.37 -3.62
CA SER A 55 -26.83 13.99 -4.91
C SER A 55 -25.61 14.30 -5.77
N GLY A 56 -24.44 14.42 -5.23
CA GLY A 56 -23.25 14.96 -5.91
C GLY A 56 -22.25 13.83 -6.15
N SER A 57 -21.42 13.58 -5.11
CA SER A 57 -20.33 12.64 -5.26
C SER A 57 -19.97 12.03 -3.97
N VAL A 58 -19.39 10.82 -4.05
CA VAL A 58 -18.72 10.11 -2.93
C VAL A 58 -17.26 9.99 -3.36
N THR A 59 -16.30 10.46 -2.55
CA THR A 59 -14.88 10.40 -2.91
C THR A 59 -14.12 9.78 -1.80
N ALA A 60 -13.16 8.92 -2.10
CA ALA A 60 -12.17 8.40 -1.13
C ALA A 60 -10.79 8.78 -1.63
N THR A 61 -9.95 9.36 -0.82
CA THR A 61 -8.57 9.68 -1.14
C THR A 61 -7.65 9.03 -0.17
N VAL A 62 -7.02 7.94 -0.54
CA VAL A 62 -6.32 7.10 0.39
C VAL A 62 -5.41 6.24 -0.51
N PRO A 63 -4.24 5.79 -0.03
CA PRO A 63 -3.40 5.01 -0.96
C PRO A 63 -4.00 3.68 -1.39
N VAL A 64 -4.64 3.01 -0.46
CA VAL A 64 -5.17 1.63 -0.66
C VAL A 64 -6.68 1.64 -0.45
N VAL A 65 -7.42 1.12 -1.42
CA VAL A 65 -8.84 0.75 -1.20
C VAL A 65 -8.96 -0.73 -1.42
N MET A 66 -9.53 -1.41 -0.45
CA MET A 66 -9.78 -2.84 -0.54
CA MET A 66 -9.78 -2.85 -0.52
C MET A 66 -11.24 -3.11 -0.34
N VAL A 67 -11.83 -3.82 -1.27
CA VAL A 67 -13.19 -4.27 -1.20
C VAL A 67 -13.18 -5.76 -1.14
N LYS A 68 -13.54 -6.41 -0.06
CA LYS A 68 -13.53 -7.83 0.05
C LYS A 68 -14.95 -8.30 0.15
N ALA A 69 -15.49 -8.82 -0.97
CA ALA A 69 -16.91 -9.14 -1.10
C ALA A 69 -17.03 -10.60 -1.51
N SER A 70 -17.45 -11.46 -0.58
CA SER A 70 -17.48 -12.90 -0.86
C SER A 70 -18.53 -13.25 -1.87
N THR A 71 -19.50 -12.43 -2.25
CA THR A 71 -20.48 -12.77 -3.29
C THR A 71 -20.14 -11.97 -4.57
N ARG A 72 -20.21 -10.64 -4.58
N ARG A 72 -20.19 -10.64 -4.54
CA ARG A 72 -20.09 -9.88 -5.80
CA ARG A 72 -20.02 -9.89 -5.77
C ARG A 72 -19.84 -8.43 -5.44
C ARG A 72 -20.01 -8.37 -5.55
N VAL A 73 -19.20 -7.73 -6.36
CA VAL A 73 -19.15 -6.28 -6.45
C VAL A 73 -19.85 -5.87 -7.75
N THR A 74 -20.94 -5.16 -7.66
CA THR A 74 -21.60 -4.65 -8.92
C THR A 74 -21.40 -3.19 -9.03
N LEU A 75 -20.86 -2.73 -10.16
CA LEU A 75 -20.74 -1.29 -10.49
C LEU A 75 -21.83 -1.03 -11.55
N ASP A 76 -22.95 -0.58 -11.03
CA ASP A 76 -24.13 -0.32 -11.92
C ASP A 76 -24.06 1.13 -12.28
N THR A 77 -23.42 1.35 -13.43
CA THR A 77 -23.12 2.69 -13.89
C THR A 77 -22.98 2.64 -15.41
N PRO A 78 -23.23 3.77 -16.10
CA PRO A 78 -23.01 3.72 -17.56
C PRO A 78 -21.52 3.58 -17.83
N GLU A 79 -20.63 4.00 -16.95
CA GLU A 79 -19.19 3.87 -17.27
C GLU A 79 -18.37 3.73 -16.00
N VAL A 80 -17.53 2.71 -16.04
CA VAL A 80 -16.46 2.54 -15.03
C VAL A 80 -15.19 3.00 -15.74
N VAL A 81 -14.39 3.85 -15.15
CA VAL A 81 -13.13 4.26 -15.71
C VAL A 81 -12.02 3.93 -14.79
N CYS A 82 -11.05 3.15 -15.29
CA CYS A 82 -9.81 2.90 -14.56
C CYS A 82 -8.76 3.77 -15.24
N THR A 83 -8.10 4.64 -14.54
CA THR A 83 -7.28 5.66 -15.22
C THR A 83 -5.96 5.03 -15.68
N ASN A 84 -5.46 3.92 -15.17
CA ASN A 84 -4.21 3.31 -15.56
C ASN A 84 -4.42 1.84 -15.85
N ARG A 85 -3.87 0.97 -15.07
CA ARG A 85 -3.94 -0.45 -15.38
C ARG A 85 -5.09 -1.06 -14.66
N LEU A 86 -5.78 -1.98 -15.33
CA LEU A 86 -6.83 -2.84 -14.80
C LEU A 86 -6.34 -4.28 -14.94
N ILE A 87 -6.21 -5.04 -13.88
CA ILE A 87 -5.73 -6.43 -13.85
C ILE A 87 -6.87 -7.27 -13.40
N THR A 88 -7.15 -8.38 -14.05
CA THR A 88 -8.15 -9.30 -13.59
C THR A 88 -7.66 -10.76 -13.77
N GLY A 89 -8.24 -11.67 -12.98
CA GLY A 89 -8.00 -13.12 -13.17
C GLY A 89 -8.54 -13.57 -14.49
N THR A 90 -9.86 -13.44 -14.68
CA THR A 90 -10.48 -13.75 -15.94
C THR A 90 -11.36 -12.63 -16.40
N LEU A 91 -11.63 -12.56 -17.69
CA LEU A 91 -12.46 -11.47 -18.29
C LEU A 91 -13.68 -12.03 -19.01
N GLU A 92 -14.85 -11.43 -18.84
CA GLU A 92 -15.98 -11.78 -19.67
C GLU A 92 -16.50 -10.50 -20.26
N VAL A 93 -16.41 -10.33 -21.57
CA VAL A 93 -17.00 -9.18 -22.27
C VAL A 93 -18.29 -9.63 -22.95
N GLN A 94 -19.43 -8.99 -22.67
CA GLN A 94 -20.72 -9.53 -23.11
C GLN A 94 -21.17 -9.01 -24.45
N LYS A 95 -20.87 -7.81 -24.77
CA LYS A 95 -21.47 -7.08 -25.92
C LYS A 95 -20.47 -6.30 -26.69
N GLY A 96 -19.27 -6.76 -26.77
CA GLY A 96 -18.29 -6.22 -27.69
C GLY A 96 -17.49 -5.08 -27.10
N GLY A 97 -16.66 -4.46 -27.93
CA GLY A 97 -15.88 -3.35 -27.43
C GLY A 97 -14.77 -2.99 -28.39
N THR A 98 -13.89 -2.10 -27.93
CA THR A 98 -12.83 -1.61 -28.75
C THR A 98 -11.54 -1.74 -27.95
N MET A 99 -10.40 -1.84 -28.63
CA MET A 99 -9.07 -1.88 -27.98
C MET A 99 -8.17 -1.06 -28.87
N ARG A 100 -7.30 -0.29 -28.28
CA ARG A 100 -6.27 0.51 -28.99
C ARG A 100 -4.95 0.31 -28.34
N GLY A 101 -3.89 0.34 -29.11
CA GLY A 101 -2.57 0.13 -28.66
C GLY A 101 -2.19 -1.34 -28.83
N ASN A 102 -1.01 -1.72 -28.45
CA ASN A 102 -0.57 -3.08 -28.65
C ASN A 102 -1.18 -4.00 -27.61
N ILE A 103 -1.79 -5.05 -28.06
CA ILE A 103 -2.51 -6.07 -27.24
C ILE A 103 -1.69 -7.37 -27.44
N GLU A 104 -0.98 -7.84 -26.41
CA GLU A 104 -0.07 -8.92 -26.50
C GLU A 104 -0.60 -10.10 -25.73
N HIS A 105 -0.95 -11.15 -26.41
CA HIS A 105 -1.44 -12.37 -25.80
C HIS A 105 -0.39 -13.45 -25.87
N THR A 106 -0.25 -14.18 -24.79
CA THR A 106 0.66 -15.35 -24.80
C THR A 106 0.08 -16.43 -23.89
N GLY A 107 0.50 -17.65 -24.00
CA GLY A 107 0.21 -18.63 -23.01
C GLY A 107 -1.13 -19.21 -23.06
N GLY A 108 -1.52 -19.67 -24.22
CA GLY A 108 -2.76 -20.31 -24.52
C GLY A 108 -3.16 -19.93 -25.94
N GLU A 109 -4.41 -20.11 -26.22
CA GLU A 109 -4.91 -19.74 -27.56
C GLU A 109 -5.78 -18.54 -27.53
N LEU A 110 -5.74 -17.74 -28.58
CA LEU A 110 -6.70 -16.62 -28.79
C LEU A 110 -7.51 -17.04 -29.99
N SER A 111 -8.76 -17.39 -29.77
CA SER A 111 -9.63 -18.05 -30.77
C SER A 111 -10.83 -17.20 -31.03
N SER A 112 -11.24 -17.11 -32.29
CA SER A 112 -12.51 -16.47 -32.60
C SER A 112 -13.28 -17.38 -33.53
N ASN A 113 -14.52 -17.74 -33.15
CA ASN A 113 -15.36 -18.69 -33.92
C ASN A 113 -14.55 -19.93 -34.19
N GLY A 114 -13.72 -20.38 -33.24
CA GLY A 114 -12.89 -21.53 -33.35
C GLY A 114 -11.57 -21.45 -34.08
N LYS A 115 -11.30 -20.26 -34.62
CA LYS A 115 -10.08 -20.02 -35.46
C LYS A 115 -9.02 -19.45 -34.54
N VAL A 116 -7.88 -20.13 -34.42
CA VAL A 116 -6.85 -19.81 -33.42
C VAL A 116 -5.80 -18.93 -34.06
N LEU A 117 -5.57 -17.75 -33.52
CA LEU A 117 -4.60 -16.82 -34.20
C LEU A 117 -3.25 -17.49 -34.38
N HIS A 118 -2.62 -18.09 -33.33
CA HIS A 118 -1.23 -18.48 -33.50
C HIS A 118 -1.00 -19.78 -34.27
N THR A 119 -2.05 -20.56 -34.53
CA THR A 119 -1.88 -21.86 -35.17
C THR A 119 -2.70 -22.09 -36.45
N HIS A 120 -3.62 -21.17 -36.76
CA HIS A 120 -4.51 -21.46 -37.90
C HIS A 120 -3.77 -21.58 -39.20
N LYS A 121 -4.41 -22.31 -40.11
CA LYS A 121 -3.92 -22.51 -41.49
C LYS A 121 -5.04 -22.11 -42.42
N HIS A 122 -4.75 -22.04 -43.73
CA HIS A 122 -5.77 -21.74 -44.73
C HIS A 122 -5.59 -22.69 -45.91
N PRO A 123 -6.68 -22.91 -46.69
CA PRO A 123 -6.48 -23.57 -48.03
C PRO A 123 -5.54 -22.60 -48.79
N GLY A 124 -4.52 -23.19 -49.40
CA GLY A 124 -3.58 -22.36 -50.24
C GLY A 124 -4.11 -22.09 -51.62
N ASP A 125 -3.37 -21.33 -52.45
CA ASP A 125 -3.88 -20.99 -53.78
C ASP A 125 -3.50 -21.99 -54.86
N SER A 126 -2.93 -23.13 -54.52
CA SER A 126 -2.59 -24.20 -55.50
C SER A 126 -3.29 -25.50 -55.10
N GLY A 127 -4.31 -25.41 -54.25
CA GLY A 127 -5.06 -26.64 -53.88
C GLY A 127 -4.47 -27.36 -52.69
N GLY A 128 -3.41 -26.90 -52.02
CA GLY A 128 -2.85 -27.47 -50.79
C GLY A 128 -3.30 -26.65 -49.61
N THR A 129 -2.51 -26.73 -48.58
CA THR A 129 -2.85 -26.02 -47.31
C THR A 129 -1.61 -25.26 -46.92
N THR A 130 -1.83 -24.01 -46.43
CA THR A 130 -0.70 -23.23 -45.92
C THR A 130 -0.12 -23.83 -44.63
N GLY A 131 1.02 -23.35 -44.20
CA GLY A 131 1.48 -23.66 -42.84
C GLY A 131 0.78 -22.74 -41.84
N SER A 132 1.07 -22.88 -40.58
CA SER A 132 0.63 -22.00 -39.52
C SER A 132 1.41 -20.65 -39.64
N PRO A 133 1.01 -19.64 -38.93
CA PRO A 133 1.68 -18.35 -39.14
C PRO A 133 3.14 -18.37 -38.87
N LEU A 134 3.86 -17.72 -39.75
CA LEU A 134 5.37 -17.57 -39.60
C LEU A 134 5.68 -16.78 -38.43
N ASP B 21 -27.61 21.09 14.59
CA ASP B 21 -27.23 22.12 13.54
C ASP B 21 -26.11 21.58 12.69
N ALA B 22 -25.36 20.60 13.15
CA ALA B 22 -24.07 20.20 12.46
C ALA B 22 -23.21 19.53 13.35
N LEU B 23 -22.49 18.61 12.75
CA LEU B 23 -21.77 17.59 13.50
C LEU B 23 -20.28 17.89 13.38
N HIS B 24 -19.49 17.96 14.45
CA HIS B 24 -18.09 18.22 14.29
C HIS B 24 -17.38 17.53 15.43
N ILE B 25 -16.68 16.42 15.21
CA ILE B 25 -16.00 15.75 16.30
C ILE B 25 -14.50 15.67 15.97
N ARG B 26 -13.66 16.11 16.89
CA ARG B 26 -12.24 16.19 16.68
C ARG B 26 -11.51 15.30 17.62
N PHE B 27 -10.49 14.63 17.17
CA PHE B 27 -9.78 13.68 17.98
C PHE B 27 -8.32 14.14 18.17
N PRO B 28 -7.64 13.54 19.16
CA PRO B 28 -6.29 13.98 19.54
C PRO B 28 -5.20 13.70 18.53
N ASP B 29 -5.46 12.78 17.58
CA ASP B 29 -4.52 12.51 16.49
C ASP B 29 -4.72 13.42 15.24
N GLY B 30 -5.64 14.41 15.34
CA GLY B 30 -5.94 15.29 14.24
C GLY B 30 -7.07 14.81 13.36
N ALA B 31 -7.64 13.62 13.62
CA ALA B 31 -8.81 13.21 12.83
C ALA B 31 -10.00 14.10 13.11
N VAL B 32 -10.83 14.27 12.14
CA VAL B 32 -12.10 14.97 12.20
C VAL B 32 -13.21 14.18 11.51
N ILE B 33 -14.35 14.06 12.16
CA ILE B 33 -15.60 13.59 11.50
C ILE B 33 -16.52 14.74 11.49
N GLU B 34 -17.11 15.13 10.34
CA GLU B 34 -17.95 16.33 10.33
C GLU B 34 -19.08 16.18 9.34
N TYR B 35 -20.25 16.72 9.67
CA TYR B 35 -21.29 16.93 8.70
C TYR B 35 -21.66 18.42 8.74
N GLU B 36 -21.52 19.13 7.65
CA GLU B 36 -21.84 20.54 7.60
C GLU B 36 -23.09 20.75 6.75
N PRO B 37 -24.28 21.07 7.33
CA PRO B 37 -25.52 21.11 6.53
C PRO B 37 -25.46 22.39 5.63
N GLU B 38 -24.67 23.40 5.95
CA GLU B 38 -24.60 24.58 5.07
C GLU B 38 -23.94 24.32 3.72
N THR B 39 -23.18 23.21 3.56
CA THR B 39 -22.65 22.72 2.26
C THR B 39 -23.17 21.35 1.93
N SER B 40 -23.93 20.76 2.86
CA SER B 40 -24.36 19.34 2.75
C SER B 40 -23.20 18.39 2.46
N ALA B 41 -22.12 18.59 3.15
CA ALA B 41 -20.86 17.76 2.95
C ALA B 41 -20.55 16.97 4.24
N LEU B 42 -20.46 15.64 4.07
CA LEU B 42 -19.94 14.72 5.09
C LEU B 42 -18.50 14.56 4.86
N THR B 43 -17.67 14.77 5.84
CA THR B 43 -16.20 14.63 5.68
C THR B 43 -15.59 13.86 6.81
N VAL B 44 -14.75 12.87 6.50
CA VAL B 44 -13.88 12.19 7.44
C VAL B 44 -12.46 12.48 6.98
N SER B 45 -11.60 13.02 7.82
CA SER B 45 -10.20 13.37 7.44
C SER B 45 -9.26 13.10 8.55
N GLY B 46 -7.98 13.06 8.21
CA GLY B 46 -6.97 12.90 9.25
C GLY B 46 -6.88 11.56 9.93
N ILE B 47 -7.52 10.50 9.31
CA ILE B 47 -7.47 9.19 9.91
C ILE B 47 -6.41 8.36 9.14
N LYS B 48 -6.06 7.21 9.70
CA LYS B 48 -5.13 6.28 9.04
C LYS B 48 -5.95 5.23 8.27
N THR B 49 -6.90 4.53 8.90
CA THR B 49 -7.70 3.52 8.24
C THR B 49 -9.17 3.83 8.50
N ALA B 50 -9.98 3.50 7.53
CA ALA B 50 -11.44 3.27 7.74
C ALA B 50 -11.79 1.91 7.32
N SER B 51 -12.75 1.29 7.98
CA SER B 51 -13.27 0.03 7.53
C SER B 51 -14.72 -0.10 7.88
N VAL B 52 -15.42 -0.73 6.97
CA VAL B 52 -16.88 -1.03 7.20
C VAL B 52 -17.03 -2.47 7.01
N THR B 53 -17.56 -3.20 7.99
CA THR B 53 -17.76 -4.64 7.91
C THR B 53 -19.21 -4.93 8.13
N ALA B 54 -19.81 -5.70 7.25
CA ALA B 54 -21.25 -5.88 7.24
C ALA B 54 -21.53 -7.34 6.84
N SER B 55 -22.68 -7.86 7.27
CA SER B 55 -23.01 -9.24 6.87
C SER B 55 -23.89 -9.30 5.64
N GLY B 56 -24.49 -8.26 5.16
CA GLY B 56 -25.50 -8.27 4.08
C GLY B 56 -24.93 -7.55 2.87
N SER B 57 -25.06 -6.21 2.87
CA SER B 57 -24.63 -5.45 1.65
C SER B 57 -24.22 -4.08 2.08
N VAL B 58 -23.40 -3.48 1.23
CA VAL B 58 -23.08 -2.03 1.27
C VAL B 58 -23.48 -1.43 -0.07
N THR B 59 -24.31 -0.40 -0.07
CA THR B 59 -24.80 0.26 -1.29
C THR B 59 -24.50 1.70 -1.25
N ALA B 60 -23.99 2.26 -2.36
CA ALA B 60 -23.85 3.73 -2.60
C ALA B 60 -24.66 4.09 -3.77
N THR B 61 -25.47 5.12 -3.64
CA THR B 61 -26.38 5.56 -4.76
C THR B 61 -26.05 7.04 -4.91
N VAL B 62 -25.27 7.45 -5.91
CA VAL B 62 -24.78 8.82 -6.03
C VAL B 62 -24.29 8.96 -7.47
N PRO B 63 -24.44 10.11 -8.16
CA PRO B 63 -24.05 10.14 -9.57
C PRO B 63 -22.56 9.84 -9.77
N VAL B 64 -21.66 10.38 -8.98
CA VAL B 64 -20.21 10.24 -9.20
C VAL B 64 -19.64 9.52 -7.99
N VAL B 65 -18.89 8.43 -8.27
CA VAL B 65 -18.01 7.89 -7.29
C VAL B 65 -16.60 8.13 -7.78
N MET B 66 -15.73 8.71 -6.98
CA MET B 66 -14.35 8.99 -7.33
C MET B 66 -13.39 8.39 -6.28
N VAL B 67 -12.52 7.49 -6.70
CA VAL B 67 -11.52 6.95 -5.78
C VAL B 67 -10.15 7.38 -6.24
N LYS B 68 -9.38 8.10 -5.42
CA LYS B 68 -8.01 8.55 -5.71
C LYS B 68 -7.08 7.78 -4.82
N ALA B 69 -6.48 6.71 -5.34
CA ALA B 69 -5.72 5.79 -4.54
C ALA B 69 -4.32 5.64 -5.15
N SER B 70 -3.34 6.25 -4.49
CA SER B 70 -1.96 6.25 -5.04
C SER B 70 -1.31 4.89 -5.08
N THR B 71 -1.77 3.88 -4.37
CA THR B 71 -1.17 2.52 -4.39
C THR B 71 -2.04 1.69 -5.32
N ARG B 72 -3.31 1.41 -4.92
CA ARG B 72 -4.06 0.31 -5.61
C ARG B 72 -5.49 0.35 -5.14
N VAL B 73 -6.43 -0.05 -6.02
CA VAL B 73 -7.82 -0.45 -5.63
C VAL B 73 -7.90 -1.94 -5.86
N THR B 74 -8.22 -2.73 -4.88
CA THR B 74 -8.37 -4.19 -5.01
C THR B 74 -9.84 -4.51 -4.80
N LEU B 75 -10.45 -5.23 -5.74
CA LEU B 75 -11.79 -5.79 -5.66
C LEU B 75 -11.57 -7.29 -5.50
N ASP B 76 -11.61 -7.75 -4.26
CA ASP B 76 -11.36 -9.12 -3.91
C ASP B 76 -12.69 -9.84 -3.77
N THR B 77 -13.15 -10.46 -4.82
CA THR B 77 -14.50 -10.96 -4.92
C THR B 77 -14.51 -12.02 -6.00
N PRO B 78 -15.49 -12.93 -5.96
CA PRO B 78 -15.62 -13.93 -7.09
C PRO B 78 -15.94 -13.23 -8.38
N GLU B 79 -16.71 -12.13 -8.35
CA GLU B 79 -17.04 -11.44 -9.60
C GLU B 79 -17.24 -9.95 -9.39
N VAL B 80 -16.61 -9.18 -10.24
CA VAL B 80 -16.90 -7.75 -10.39
C VAL B 80 -17.78 -7.65 -11.63
N VAL B 81 -18.91 -7.02 -11.54
CA VAL B 81 -19.83 -6.81 -12.70
C VAL B 81 -19.95 -5.38 -13.01
N CYS B 82 -19.54 -4.97 -14.21
CA CYS B 82 -19.77 -3.61 -14.68
C CYS B 82 -20.94 -3.70 -15.61
N THR B 83 -22.03 -2.99 -15.32
CA THR B 83 -23.29 -3.22 -16.04
C THR B 83 -23.29 -2.71 -17.47
N ASN B 84 -22.44 -1.78 -17.78
CA ASN B 84 -22.40 -1.12 -19.13
C ASN B 84 -20.96 -1.03 -19.62
N ARG B 85 -20.40 0.15 -19.74
CA ARG B 85 -19.07 0.31 -20.29
CA ARG B 85 -19.08 0.27 -20.32
C ARG B 85 -18.02 0.23 -19.21
N LEU B 86 -16.90 -0.40 -19.57
CA LEU B 86 -15.67 -0.41 -18.77
C LEU B 86 -14.56 0.19 -19.61
N ILE B 87 -13.91 1.26 -19.15
CA ILE B 87 -12.84 1.92 -19.88
C ILE B 87 -11.61 1.76 -19.03
N THR B 88 -10.46 1.39 -19.62
CA THR B 88 -9.19 1.37 -18.87
C THR B 88 -8.08 1.83 -19.76
N GLY B 89 -7.06 2.30 -19.11
CA GLY B 89 -5.80 2.66 -19.83
C GLY B 89 -5.15 1.42 -20.38
N THR B 90 -4.72 0.53 -19.54
CA THR B 90 -4.19 -0.75 -20.03
C THR B 90 -4.96 -1.88 -19.31
N LEU B 91 -4.91 -3.04 -19.93
CA LEU B 91 -5.60 -4.21 -19.43
C LEU B 91 -4.64 -5.34 -19.24
N GLU B 92 -4.76 -6.10 -18.17
CA GLU B 92 -4.00 -7.34 -18.02
C GLU B 92 -4.96 -8.43 -17.60
N VAL B 93 -5.04 -9.49 -18.38
CA VAL B 93 -5.89 -10.63 -18.11
C VAL B 93 -4.97 -11.79 -17.76
N GLN B 94 -5.12 -12.38 -16.61
CA GLN B 94 -4.07 -13.32 -16.15
C GLN B 94 -4.38 -14.76 -16.51
N LYS B 95 -5.63 -15.15 -16.55
CA LYS B 95 -6.04 -16.60 -16.61
C LYS B 95 -7.17 -16.80 -17.60
N GLY B 96 -7.19 -16.05 -18.64
CA GLY B 96 -8.04 -16.24 -19.81
C GLY B 96 -9.35 -15.57 -19.66
N GLY B 97 -10.24 -15.85 -20.62
CA GLY B 97 -11.54 -15.16 -20.63
C GLY B 97 -12.36 -15.51 -21.85
N THR B 98 -13.47 -14.83 -21.89
CA THR B 98 -14.41 -15.01 -23.00
C THR B 98 -14.84 -13.68 -23.49
N MET B 99 -15.02 -13.52 -24.81
CA MET B 99 -15.49 -12.27 -25.35
C MET B 99 -16.62 -12.62 -26.33
N ARG B 100 -17.61 -11.82 -26.31
CA ARG B 100 -18.78 -12.00 -27.22
C ARG B 100 -19.05 -10.66 -27.78
N GLY B 101 -19.61 -10.66 -29.02
CA GLY B 101 -19.88 -9.42 -29.73
C GLY B 101 -18.72 -9.00 -30.60
N ASN B 102 -18.83 -7.92 -31.29
CA ASN B 102 -17.72 -7.45 -32.14
C ASN B 102 -16.69 -6.75 -31.23
N ILE B 103 -15.44 -7.22 -31.43
CA ILE B 103 -14.26 -6.67 -30.73
C ILE B 103 -13.36 -5.99 -31.78
N GLU B 104 -13.20 -4.66 -31.73
CA GLU B 104 -12.53 -3.92 -32.79
C GLU B 104 -11.27 -3.30 -32.25
N HIS B 105 -10.14 -3.88 -32.65
CA HIS B 105 -8.82 -3.38 -32.30
C HIS B 105 -8.33 -2.51 -33.39
N THR B 106 -7.76 -1.37 -33.00
CA THR B 106 -7.05 -0.43 -33.96
C THR B 106 -5.84 0.14 -33.26
N GLY B 107 -4.86 0.56 -34.02
CA GLY B 107 -3.79 1.37 -33.44
C GLY B 107 -2.61 0.73 -32.80
N GLY B 108 -1.95 -0.11 -33.47
CA GLY B 108 -0.90 -0.98 -32.98
C GLY B 108 -1.21 -2.38 -33.45
N GLU B 109 -0.63 -3.32 -32.76
CA GLU B 109 -0.63 -4.78 -33.10
CA GLU B 109 -0.84 -4.69 -33.15
C GLU B 109 -1.52 -5.55 -32.11
N LEU B 110 -2.22 -6.55 -32.57
CA LEU B 110 -2.88 -7.58 -31.71
C LEU B 110 -2.16 -8.83 -32.03
N SER B 111 -1.43 -9.37 -31.07
CA SER B 111 -0.58 -10.55 -31.29
C SER B 111 -0.88 -11.69 -30.34
N SER B 112 -0.74 -12.92 -30.78
CA SER B 112 -0.86 -14.06 -29.89
C SER B 112 0.31 -14.93 -30.13
N ASN B 113 1.06 -15.21 -29.09
CA ASN B 113 2.29 -16.05 -29.20
C ASN B 113 3.17 -15.56 -30.33
N GLY B 114 3.26 -14.23 -30.46
CA GLY B 114 4.11 -13.59 -31.44
C GLY B 114 3.54 -13.42 -32.83
N LYS B 115 2.32 -13.93 -33.06
CA LYS B 115 1.71 -13.91 -34.40
C LYS B 115 0.71 -12.80 -34.45
N VAL B 116 0.91 -11.83 -35.38
CA VAL B 116 0.18 -10.56 -35.35
C VAL B 116 -1.04 -10.68 -36.28
N LEU B 117 -2.22 -10.38 -35.79
CA LEU B 117 -3.40 -10.50 -36.61
C LEU B 117 -3.30 -9.73 -37.91
N HIS B 118 -3.00 -8.43 -37.86
CA HIS B 118 -3.19 -7.66 -39.11
C HIS B 118 -2.05 -7.84 -40.12
N THR B 119 -0.92 -8.40 -39.72
CA THR B 119 0.23 -8.46 -40.65
C THR B 119 0.81 -9.86 -40.77
N HIS B 120 0.32 -10.91 -40.13
CA HIS B 120 0.96 -12.21 -40.22
C HIS B 120 0.84 -12.78 -41.65
N LYS B 121 1.76 -13.70 -41.89
CA LYS B 121 1.74 -14.49 -43.11
C LYS B 121 2.01 -15.93 -42.80
N HIS B 122 1.86 -16.80 -43.79
CA HIS B 122 2.02 -18.25 -43.60
C HIS B 122 2.98 -18.76 -44.66
N PRO B 123 3.66 -19.90 -44.42
CA PRO B 123 4.20 -20.68 -45.54
C PRO B 123 3.06 -20.97 -46.50
N GLY B 124 3.26 -20.73 -47.79
CA GLY B 124 2.23 -21.10 -48.75
C GLY B 124 2.28 -22.52 -49.17
N ASP B 125 1.40 -22.89 -50.10
CA ASP B 125 1.28 -24.29 -50.52
C ASP B 125 2.18 -24.61 -51.68
N SER B 126 3.07 -23.73 -52.13
CA SER B 126 4.01 -24.03 -53.20
C SER B 126 5.49 -23.78 -52.81
N GLY B 127 5.77 -23.54 -51.55
CA GLY B 127 7.14 -23.34 -51.02
C GLY B 127 7.53 -21.88 -50.89
N GLY B 128 6.60 -20.95 -51.15
CA GLY B 128 6.91 -19.52 -50.82
C GLY B 128 6.10 -19.18 -49.61
N THR B 129 5.71 -17.90 -49.48
CA THR B 129 4.85 -17.42 -48.41
C THR B 129 3.62 -16.72 -48.94
N THR B 130 2.56 -16.70 -48.16
CA THR B 130 1.37 -15.88 -48.50
C THR B 130 1.78 -14.38 -48.27
N GLY B 131 0.89 -13.52 -48.69
CA GLY B 131 0.96 -12.16 -48.16
C GLY B 131 0.31 -12.08 -46.80
N SER B 132 0.09 -10.85 -46.31
CA SER B 132 -0.64 -10.64 -45.07
C SER B 132 -2.15 -10.62 -45.29
N PRO B 133 -2.96 -10.45 -44.25
CA PRO B 133 -4.40 -10.60 -44.47
C PRO B 133 -4.95 -9.51 -45.34
N LEU B 134 -5.98 -9.89 -46.10
CA LEU B 134 -6.67 -8.97 -47.01
C LEU B 134 -7.55 -7.87 -46.57
N VAL C 18 -19.58 4.24 24.60
CA VAL C 18 -20.94 4.24 25.23
C VAL C 18 -21.92 3.42 24.48
N SER C 19 -22.91 2.97 25.06
CA SER C 19 -24.00 2.25 24.40
C SER C 19 -25.07 3.20 24.01
N ALA C 20 -25.62 3.14 22.84
CA ALA C 20 -26.82 3.90 22.45
C ALA C 20 -27.83 3.06 21.96
N ASP C 21 -29.12 3.41 22.18
CA ASP C 21 -30.19 2.47 21.73
C ASP C 21 -30.38 2.56 20.22
N ALA C 22 -30.03 3.67 19.60
CA ALA C 22 -30.17 3.91 18.15
C ALA C 22 -29.48 5.18 17.89
N LEU C 23 -29.41 5.47 16.63
CA LEU C 23 -28.82 6.77 16.20
C LEU C 23 -29.79 7.33 15.14
N HIS C 24 -30.37 8.52 15.34
CA HIS C 24 -31.19 9.15 14.31
C HIS C 24 -30.78 10.65 14.40
N ILE C 25 -29.87 11.14 13.57
CA ILE C 25 -29.43 12.57 13.58
C ILE C 25 -29.99 13.15 12.27
N ARG C 26 -30.82 14.18 12.38
CA ARG C 26 -31.36 14.92 11.24
C ARG C 26 -30.82 16.34 11.24
N PHE C 27 -30.44 16.84 10.09
CA PHE C 27 -29.90 18.17 10.03
C PHE C 27 -30.88 19.07 9.24
N PRO C 28 -30.58 20.41 9.33
CA PRO C 28 -31.61 21.31 8.78
C PRO C 28 -31.75 21.35 7.25
N ASP C 29 -30.78 20.79 6.55
CA ASP C 29 -30.83 20.60 5.07
C ASP C 29 -31.58 19.40 4.70
N GLY C 30 -32.06 18.64 5.73
CA GLY C 30 -32.81 17.46 5.42
C GLY C 30 -31.95 16.21 5.46
N ALA C 31 -30.64 16.34 5.59
CA ALA C 31 -29.78 15.10 5.62
C ALA C 31 -30.09 14.32 6.89
N VAL C 32 -29.89 13.01 6.84
CA VAL C 32 -30.10 12.11 7.96
C VAL C 32 -28.93 11.18 8.04
N ILE C 33 -28.35 10.98 9.23
CA ILE C 33 -27.35 9.92 9.53
C ILE C 33 -28.10 9.06 10.57
N GLU C 34 -28.29 7.77 10.29
CA GLU C 34 -29.07 6.90 11.22
C GLU C 34 -28.52 5.51 11.26
N TYR C 35 -28.57 4.94 12.45
CA TYR C 35 -28.38 3.47 12.66
C TYR C 35 -29.53 2.94 13.34
N GLU C 36 -30.18 1.96 12.75
CA GLU C 36 -31.35 1.32 13.31
C GLU C 36 -31.05 -0.11 13.70
N PRO C 37 -30.86 -0.41 15.00
CA PRO C 37 -30.50 -1.76 15.41
C PRO C 37 -31.55 -2.84 15.11
N GLU C 38 -32.81 -2.45 15.01
CA GLU C 38 -33.85 -3.42 14.71
C GLU C 38 -33.60 -4.14 13.41
N THR C 39 -33.03 -3.42 12.41
CA THR C 39 -32.74 -4.04 11.15
C THR C 39 -31.23 -4.01 10.91
N SER C 40 -30.45 -3.53 11.87
CA SER C 40 -28.99 -3.42 11.76
C SER C 40 -28.58 -2.71 10.46
N ALA C 41 -29.26 -1.61 10.21
CA ALA C 41 -29.07 -0.79 8.95
C ALA C 41 -28.46 0.59 9.27
N LEU C 42 -27.33 0.88 8.66
CA LEU C 42 -26.75 2.26 8.67
C LEU C 42 -27.19 2.92 7.45
N THR C 43 -27.81 4.09 7.59
CA THR C 43 -28.29 4.87 6.39
C THR C 43 -27.82 6.29 6.48
N VAL C 44 -27.22 6.79 5.41
CA VAL C 44 -26.87 8.26 5.24
C VAL C 44 -27.64 8.68 4.01
N SER C 45 -28.46 9.72 4.13
CA SER C 45 -29.18 10.23 2.98
C SER C 45 -29.35 11.73 3.06
N GLY C 46 -29.67 12.28 1.87
CA GLY C 46 -29.96 13.76 1.77
C GLY C 46 -28.75 14.64 1.80
N ILE C 47 -27.58 14.11 1.52
CA ILE C 47 -26.34 14.84 1.43
C ILE C 47 -26.01 15.13 0.00
N LYS C 48 -25.11 16.06 -0.20
CA LYS C 48 -24.60 16.29 -1.51
C LYS C 48 -23.27 15.54 -1.70
N THR C 49 -22.35 15.63 -0.78
CA THR C 49 -21.08 14.92 -0.94
C THR C 49 -20.67 14.23 0.30
N ALA C 50 -19.99 13.08 0.13
CA ALA C 50 -19.25 12.49 1.21
C ALA C 50 -17.79 12.39 0.74
N SER C 51 -16.85 12.55 1.64
CA SER C 51 -15.41 12.41 1.32
C SER C 51 -14.71 11.78 2.51
N VAL C 52 -13.91 10.75 2.30
CA VAL C 52 -12.97 10.23 3.27
C VAL C 52 -11.58 10.45 2.77
N THR C 53 -10.74 11.02 3.57
CA THR C 53 -9.31 11.13 3.36
C THR C 53 -8.58 10.43 4.40
N ALA C 54 -7.72 9.50 4.07
CA ALA C 54 -7.06 8.66 5.00
C ALA C 54 -5.64 8.42 4.50
N SER C 55 -4.75 8.20 5.45
CA SER C 55 -3.35 8.02 5.05
C SER C 55 -2.98 6.62 4.73
N GLY C 56 -3.81 5.61 5.05
CA GLY C 56 -3.48 4.21 4.95
C GLY C 56 -4.43 3.48 4.02
N SER C 57 -5.64 3.14 4.48
CA SER C 57 -6.50 2.32 3.65
C SER C 57 -7.95 2.57 4.01
N VAL C 58 -8.85 2.37 3.04
CA VAL C 58 -10.32 2.28 3.26
C VAL C 58 -10.71 0.90 2.79
N THR C 59 -11.32 0.12 3.66
CA THR C 59 -11.68 -1.26 3.37
C THR C 59 -13.17 -1.46 3.63
N ALA C 60 -13.85 -2.19 2.74
CA ALA C 60 -15.25 -2.63 2.97
C ALA C 60 -15.19 -4.12 2.90
N THR C 61 -15.73 -4.86 3.85
CA THR C 61 -15.79 -6.36 3.87
C THR C 61 -17.23 -6.75 4.10
N VAL C 62 -17.91 -7.24 3.07
CA VAL C 62 -19.36 -7.48 3.12
C VAL C 62 -19.63 -8.37 1.88
N PRO C 63 -20.60 -9.28 1.93
CA PRO C 63 -20.72 -10.21 0.82
C PRO C 63 -21.06 -9.48 -0.48
N VAL C 64 -21.93 -8.48 -0.43
CA VAL C 64 -22.41 -7.85 -1.60
C VAL C 64 -22.13 -6.33 -1.54
N VAL C 65 -21.47 -5.79 -2.56
CA VAL C 65 -21.34 -4.34 -2.71
C VAL C 65 -22.12 -3.95 -3.97
N MET C 66 -22.92 -2.92 -3.86
CA MET C 66 -23.68 -2.41 -4.99
C MET C 66 -23.39 -0.94 -5.10
N VAL C 67 -22.81 -0.50 -6.21
CA VAL C 67 -22.61 0.95 -6.45
C VAL C 67 -23.52 1.38 -7.58
N LYS C 68 -24.48 2.23 -7.32
CA LYS C 68 -25.45 2.70 -8.35
C LYS C 68 -25.09 4.13 -8.66
N ALA C 69 -24.25 4.34 -9.70
CA ALA C 69 -23.69 5.62 -9.99
C ALA C 69 -24.09 6.04 -11.37
N SER C 70 -25.05 6.99 -11.46
CA SER C 70 -25.60 7.36 -12.79
C SER C 70 -24.59 8.10 -13.64
N THR C 71 -23.61 8.74 -13.17
CA THR C 71 -22.66 9.49 -14.02
C THR C 71 -21.52 8.43 -14.33
N ARG C 72 -20.71 8.07 -13.30
CA ARG C 72 -19.53 7.29 -13.57
C ARG C 72 -18.95 6.87 -12.24
N VAL C 73 -18.25 5.73 -12.29
CA VAL C 73 -17.35 5.30 -11.23
C VAL C 73 -15.97 5.52 -11.79
N THR C 74 -15.13 6.31 -11.18
CA THR C 74 -13.72 6.53 -11.58
C THR C 74 -12.82 5.98 -10.51
N LEU C 75 -11.94 5.03 -10.94
CA LEU C 75 -10.90 4.51 -10.08
C LEU C 75 -9.60 5.07 -10.55
N ASP C 76 -9.14 6.14 -9.90
CA ASP C 76 -7.96 6.89 -10.28
C ASP C 76 -6.79 6.35 -9.45
N THR C 77 -6.02 5.40 -10.00
CA THR C 77 -5.03 4.64 -9.26
C THR C 77 -4.09 4.05 -10.28
N PRO C 78 -2.90 3.63 -9.82
CA PRO C 78 -2.04 2.97 -10.81
C PRO C 78 -2.62 1.63 -11.19
N GLU C 79 -3.34 0.93 -10.32
CA GLU C 79 -3.75 -0.40 -10.61
C GLU C 79 -5.09 -0.68 -9.95
N VAL C 80 -6.07 -1.17 -10.73
CA VAL C 80 -7.31 -1.77 -10.19
C VAL C 80 -7.10 -3.25 -10.31
N VAL C 81 -7.22 -4.04 -9.26
CA VAL C 81 -7.05 -5.49 -9.34
C VAL C 81 -8.31 -6.18 -8.99
N CYS C 82 -8.83 -6.99 -9.90
CA CYS C 82 -9.99 -7.85 -9.65
C CYS C 82 -9.40 -9.23 -9.45
N THR C 83 -9.70 -9.88 -8.34
CA THR C 83 -8.95 -11.10 -7.97
C THR C 83 -9.45 -12.31 -8.70
N ASN C 84 -10.65 -12.30 -9.25
CA ASN C 84 -11.21 -13.46 -9.91
C ASN C 84 -11.84 -12.97 -11.24
N ARG C 85 -13.12 -13.06 -11.39
CA ARG C 85 -13.80 -12.70 -12.64
C ARG C 85 -14.10 -11.26 -12.71
N LEU C 86 -13.95 -10.67 -13.90
CA LEU C 86 -14.45 -9.36 -14.22
C LEU C 86 -15.40 -9.49 -15.42
N ILE C 87 -16.60 -9.07 -15.26
CA ILE C 87 -17.61 -9.15 -16.30
C ILE C 87 -17.96 -7.70 -16.67
N THR C 88 -18.14 -7.42 -17.97
CA THR C 88 -18.57 -6.10 -18.41
C THR C 88 -19.46 -6.20 -19.62
N GLY C 89 -20.29 -5.19 -19.76
CA GLY C 89 -21.16 -5.12 -21.04
C GLY C 89 -20.25 -4.83 -22.21
N THR C 90 -19.61 -3.69 -22.23
CA THR C 90 -18.62 -3.37 -23.29
C THR C 90 -17.33 -3.02 -22.68
N LEU C 91 -16.24 -3.16 -23.47
CA LEU C 91 -14.92 -2.87 -23.01
C LEU C 91 -14.32 -1.82 -23.92
N GLU C 92 -13.52 -0.91 -23.36
CA GLU C 92 -12.70 0.05 -24.12
C GLU C 92 -11.34 0.05 -23.49
N VAL C 93 -10.35 -0.44 -24.20
CA VAL C 93 -8.92 -0.37 -23.75
C VAL C 93 -8.25 0.74 -24.54
N GLN C 94 -7.64 1.68 -23.82
CA GLN C 94 -7.17 2.88 -24.51
C GLN C 94 -5.71 2.77 -24.95
N LYS C 95 -4.81 2.13 -24.23
CA LYS C 95 -3.41 2.17 -24.48
C LYS C 95 -2.70 0.80 -24.38
N GLY C 96 -3.38 -0.27 -24.59
CA GLY C 96 -2.71 -1.55 -24.78
C GLY C 96 -3.01 -2.48 -23.66
N GLY C 97 -2.41 -3.61 -23.78
CA GLY C 97 -2.64 -4.62 -22.70
C GLY C 97 -1.99 -5.93 -22.97
N THR C 98 -2.11 -6.79 -21.99
CA THR C 98 -1.55 -8.13 -22.10
C THR C 98 -2.60 -9.11 -21.69
N MET C 99 -2.62 -10.25 -22.33
CA MET C 99 -3.50 -11.30 -21.97
C MET C 99 -2.81 -12.64 -21.93
N ARG C 100 -3.16 -13.48 -20.94
CA ARG C 100 -2.61 -14.84 -20.85
C ARG C 100 -3.71 -15.76 -20.64
N GLY C 101 -3.51 -17.02 -20.98
CA GLY C 101 -4.53 -18.03 -20.85
C GLY C 101 -5.39 -18.13 -22.11
N ASN C 102 -6.32 -19.01 -22.18
CA ASN C 102 -7.18 -19.07 -23.37
C ASN C 102 -8.16 -17.93 -23.40
N ILE C 103 -8.23 -17.26 -24.53
CA ILE C 103 -9.20 -16.17 -24.74
C ILE C 103 -10.14 -16.62 -25.83
N GLU C 104 -11.41 -16.91 -25.56
CA GLU C 104 -12.33 -17.52 -26.51
C GLU C 104 -13.38 -16.51 -26.93
N HIS C 105 -13.39 -16.12 -28.21
CA HIS C 105 -14.28 -15.08 -28.73
C HIS C 105 -15.28 -15.78 -29.66
N THR C 106 -16.54 -15.30 -29.58
CA THR C 106 -17.51 -15.75 -30.55
C THR C 106 -18.57 -14.71 -30.62
N GLY C 107 -19.61 -14.95 -31.48
CA GLY C 107 -20.76 -14.07 -31.48
C GLY C 107 -20.41 -12.76 -32.10
N GLY C 108 -19.68 -12.79 -33.19
CA GLY C 108 -19.29 -11.63 -33.94
C GLY C 108 -17.87 -11.78 -34.52
N GLU C 109 -17.25 -10.65 -34.78
CA GLU C 109 -15.86 -10.65 -35.36
C GLU C 109 -14.86 -10.11 -34.30
N LEU C 110 -13.64 -10.58 -34.39
CA LEU C 110 -12.48 -10.04 -33.68
C LEU C 110 -11.57 -9.48 -34.77
N SER C 111 -11.46 -8.17 -34.84
CA SER C 111 -10.73 -7.51 -35.93
C SER C 111 -9.64 -6.67 -35.42
N SER C 112 -8.49 -6.66 -36.16
CA SER C 112 -7.44 -5.73 -35.84
C SER C 112 -7.10 -4.96 -37.10
N ASN C 113 -7.24 -3.64 -37.02
CA ASN C 113 -6.96 -2.76 -38.15
C ASN C 113 -7.66 -3.26 -39.36
N GLY C 114 -8.92 -3.69 -39.18
CA GLY C 114 -9.77 -4.10 -40.30
C GLY C 114 -9.66 -5.57 -40.63
N LYS C 115 -8.69 -6.31 -40.09
CA LYS C 115 -8.46 -7.68 -40.47
C LYS C 115 -9.03 -8.60 -39.46
N VAL C 116 -9.92 -9.52 -39.94
CA VAL C 116 -10.82 -10.26 -39.06
C VAL C 116 -10.27 -11.66 -38.85
N LEU C 117 -10.11 -12.07 -37.58
CA LEU C 117 -9.49 -13.31 -37.34
C LEU C 117 -10.19 -14.46 -38.01
N HIS C 118 -11.56 -14.61 -37.83
CA HIS C 118 -12.14 -15.86 -38.23
C HIS C 118 -12.42 -15.93 -39.73
N THR C 119 -12.34 -14.85 -40.47
CA THR C 119 -12.76 -14.92 -41.90
C THR C 119 -11.61 -14.53 -42.83
N HIS C 120 -10.49 -13.93 -42.38
CA HIS C 120 -9.50 -13.29 -43.30
C HIS C 120 -8.95 -14.33 -44.27
N LYS C 121 -8.62 -13.81 -45.46
CA LYS C 121 -7.85 -14.48 -46.46
C LYS C 121 -6.51 -13.78 -46.67
N HIS C 122 -5.62 -14.41 -47.40
CA HIS C 122 -4.31 -13.83 -47.77
C HIS C 122 -4.16 -13.97 -49.28
N PRO C 123 -3.33 -13.08 -49.89
CA PRO C 123 -2.75 -13.46 -51.18
C PRO C 123 -1.97 -14.75 -51.00
N GLY C 124 -2.09 -15.67 -51.96
CA GLY C 124 -1.39 -16.90 -51.92
C GLY C 124 0.02 -16.80 -52.53
N ASP C 125 0.80 -17.81 -52.38
CA ASP C 125 2.22 -17.77 -52.83
C ASP C 125 2.40 -17.90 -54.31
N SER C 126 1.31 -18.16 -55.04
CA SER C 126 1.38 -18.27 -56.53
C SER C 126 0.64 -17.14 -57.19
N GLY C 127 0.10 -16.21 -56.46
CA GLY C 127 -0.59 -15.09 -57.03
C GLY C 127 -2.10 -15.12 -57.02
N GLY C 128 -2.68 -16.16 -56.45
CA GLY C 128 -4.12 -16.27 -56.21
C GLY C 128 -4.41 -15.82 -54.81
N THR C 129 -5.48 -16.37 -54.23
CA THR C 129 -5.94 -16.03 -52.90
C THR C 129 -6.22 -17.24 -52.08
N THR C 130 -5.76 -17.28 -50.82
CA THR C 130 -6.12 -18.40 -49.95
C THR C 130 -7.59 -18.44 -49.66
N GLY C 131 -7.99 -19.57 -49.04
CA GLY C 131 -9.31 -19.62 -48.40
C GLY C 131 -9.26 -18.92 -47.06
N SER C 132 -10.37 -18.86 -46.38
CA SER C 132 -10.46 -18.38 -45.00
C SER C 132 -9.83 -19.45 -44.07
N PRO C 133 -9.72 -19.08 -42.75
CA PRO C 133 -9.01 -19.98 -41.86
C PRO C 133 -9.71 -21.33 -41.66
N LEU C 134 -8.92 -22.41 -41.65
CA LEU C 134 -9.58 -23.77 -41.38
C LEU C 134 -10.17 -23.88 -40.01
N ASP D 21 29.62 0.54 -23.85
CA ASP D 21 29.86 0.41 -22.38
C ASP D 21 28.62 -0.05 -21.55
N ALA D 22 27.43 0.46 -21.85
CA ALA D 22 26.28 0.27 -20.90
C ALA D 22 25.57 -1.11 -20.85
N LEU D 23 24.87 -1.45 -19.76
CA LEU D 23 23.93 -2.60 -19.75
C LEU D 23 22.54 -2.03 -19.90
N HIS D 24 21.73 -2.44 -20.87
CA HIS D 24 20.31 -1.97 -20.98
C HIS D 24 19.57 -3.27 -21.35
N ILE D 25 18.62 -3.75 -20.55
CA ILE D 25 17.78 -4.89 -20.85
C ILE D 25 16.33 -4.41 -20.67
N ARG D 26 15.48 -4.41 -21.71
CA ARG D 26 14.08 -4.11 -21.68
C ARG D 26 13.25 -5.36 -21.85
N PHE D 27 12.17 -5.51 -21.11
CA PHE D 27 11.33 -6.68 -21.10
C PHE D 27 9.97 -6.41 -21.71
N PRO D 28 9.26 -7.45 -22.09
CA PRO D 28 8.02 -7.14 -22.88
C PRO D 28 6.91 -6.46 -22.08
N ASP D 29 7.03 -6.45 -20.73
CA ASP D 29 6.05 -5.81 -19.81
C ASP D 29 6.47 -4.32 -19.65
N GLY D 30 7.52 -3.88 -20.25
CA GLY D 30 7.99 -2.49 -20.11
C GLY D 30 9.05 -2.26 -19.03
N ALA D 31 9.36 -3.32 -18.29
CA ALA D 31 10.43 -3.21 -17.26
C ALA D 31 11.78 -2.94 -17.90
N VAL D 32 12.71 -2.28 -17.21
CA VAL D 32 14.05 -1.98 -17.69
C VAL D 32 15.02 -2.26 -16.59
N ILE D 33 16.10 -2.97 -16.87
CA ILE D 33 17.31 -3.09 -15.95
C ILE D 33 18.48 -2.48 -16.65
N GLU D 34 19.09 -1.46 -16.09
CA GLU D 34 20.17 -0.78 -16.80
C GLU D 34 21.26 -0.25 -15.95
N TYR D 35 22.48 -0.21 -16.50
CA TYR D 35 23.59 0.37 -15.86
C TYR D 35 24.19 1.36 -16.88
N GLU D 36 24.32 2.64 -16.55
CA GLU D 36 24.86 3.61 -17.48
C GLU D 36 26.14 4.17 -16.88
N PRO D 37 27.32 3.84 -17.44
CA PRO D 37 28.52 4.42 -16.92
C PRO D 37 28.65 5.95 -17.00
N GLU D 38 27.97 6.59 -17.92
CA GLU D 38 28.09 8.09 -18.05
C GLU D 38 27.65 8.73 -16.75
N THR D 39 26.61 8.17 -16.12
CA THR D 39 26.01 8.72 -14.86
C THR D 39 26.40 7.80 -13.67
N SER D 40 27.01 6.66 -13.93
CA SER D 40 27.23 5.62 -12.94
C SER D 40 25.96 5.29 -12.16
N ALA D 41 24.87 5.19 -12.91
CA ALA D 41 23.57 4.87 -12.29
C ALA D 41 23.13 3.47 -12.65
N LEU D 42 22.76 2.72 -11.64
CA LEU D 42 22.00 1.45 -11.85
C LEU D 42 20.54 1.72 -11.65
N THR D 43 19.67 1.37 -12.58
CA THR D 43 18.27 1.66 -12.44
C THR D 43 17.46 0.44 -12.80
N VAL D 44 16.46 0.13 -12.01
CA VAL D 44 15.44 -0.90 -12.33
C VAL D 44 14.13 -0.19 -12.28
N SER D 45 13.30 -0.29 -13.27
CA SER D 45 12.04 0.38 -13.36
C SER D 45 10.99 -0.46 -14.02
N GLY D 46 9.73 -0.10 -13.82
CA GLY D 46 8.66 -0.71 -14.57
C GLY D 46 8.33 -2.11 -14.09
N ILE D 47 8.72 -2.50 -12.88
CA ILE D 47 8.44 -3.83 -12.36
C ILE D 47 7.26 -3.76 -11.38
N LYS D 48 6.70 -4.90 -11.05
CA LYS D 48 5.74 -4.98 -9.93
C LYS D 48 6.43 -5.28 -8.62
N THR D 49 7.31 -6.30 -8.62
CA THR D 49 7.93 -6.71 -7.36
C THR D 49 9.40 -6.98 -7.60
N ALA D 50 10.17 -6.74 -6.54
CA ALA D 50 11.56 -7.22 -6.44
C ALA D 50 11.68 -7.94 -5.15
N SER D 51 12.48 -9.04 -5.11
CA SER D 51 12.73 -9.70 -3.86
C SER D 51 14.10 -10.25 -3.85
N VAL D 52 14.76 -10.17 -2.70
CA VAL D 52 16.10 -10.79 -2.50
C VAL D 52 15.97 -11.67 -1.33
N THR D 53 16.23 -12.99 -1.50
CA THR D 53 16.26 -14.00 -0.40
C THR D 53 17.70 -14.47 -0.24
N ALA D 54 18.30 -14.26 0.93
CA ALA D 54 19.70 -14.57 1.19
C ALA D 54 19.78 -15.22 2.55
N SER D 55 20.73 -16.13 2.73
CA SER D 55 20.80 -16.86 4.01
C SER D 55 21.74 -16.10 4.96
N GLY D 56 22.55 -15.18 4.59
CA GLY D 56 23.55 -14.51 5.43
C GLY D 56 23.17 -13.09 5.75
N SER D 57 23.47 -12.21 4.86
CA SER D 57 23.20 -10.74 5.08
C SER D 57 23.04 -10.05 3.76
N VAL D 58 22.36 -8.89 3.86
CA VAL D 58 22.30 -7.91 2.77
C VAL D 58 22.80 -6.60 3.33
N THR D 59 23.74 -6.00 2.70
CA THR D 59 24.36 -4.80 3.12
C THR D 59 24.30 -3.73 2.07
N ALA D 60 24.03 -2.47 2.43
CA ALA D 60 24.17 -1.33 1.54
C ALA D 60 25.06 -0.31 2.20
N THR D 61 26.09 0.19 1.53
CA THR D 61 27.04 1.17 2.09
C THR D 61 27.05 2.25 1.12
N VAL D 62 26.46 3.37 1.51
CA VAL D 62 26.23 4.47 0.64
C VAL D 62 25.85 5.69 1.51
N PRO D 63 26.19 6.93 1.16
CA PRO D 63 25.82 8.07 2.11
C PRO D 63 24.34 8.21 2.36
N VAL D 64 23.54 8.12 1.35
CA VAL D 64 22.08 8.41 1.45
C VAL D 64 21.27 7.15 1.00
N VAL D 65 20.34 6.72 1.85
CA VAL D 65 19.31 5.77 1.46
C VAL D 65 18.01 6.49 1.47
N MET D 66 17.19 6.41 0.46
CA MET D 66 15.85 7.02 0.41
C MET D 66 14.83 5.93 0.08
N VAL D 67 13.80 5.81 0.84
CA VAL D 67 12.72 4.93 0.48
C VAL D 67 11.52 5.88 0.30
N LYS D 68 10.82 5.83 -0.77
CA LYS D 68 9.60 6.64 -1.02
C LYS D 68 8.49 5.61 -1.20
N ALA D 69 7.72 5.35 -0.16
CA ALA D 69 6.81 4.19 -0.13
C ALA D 69 5.40 4.73 0.18
N SER D 70 4.52 4.69 -0.83
CA SER D 70 3.21 5.25 -0.61
C SER D 70 2.31 4.55 0.41
N THR D 71 2.61 3.28 0.70
CA THR D 71 1.87 2.52 1.72
C THR D 71 2.61 2.34 3.01
N ARG D 72 3.76 1.60 3.00
CA ARG D 72 4.43 1.36 4.31
CA ARG D 72 4.34 1.21 4.28
C ARG D 72 5.77 0.75 4.09
N VAL D 73 6.58 0.89 5.13
CA VAL D 73 7.86 0.12 5.28
C VAL D 73 7.68 -0.73 6.50
N THR D 74 7.75 -2.06 6.35
CA THR D 74 7.62 -2.98 7.46
C THR D 74 8.98 -3.64 7.72
N LEU D 75 9.45 -3.53 8.95
CA LEU D 75 10.70 -4.19 9.38
C LEU D 75 10.32 -5.26 10.35
N ASP D 76 10.19 -6.49 9.80
CA ASP D 76 9.71 -7.65 10.52
C ASP D 76 10.93 -8.41 11.06
N THR D 77 11.36 -8.06 12.24
CA THR D 77 12.63 -8.49 12.75
C THR D 77 12.56 -8.42 14.28
N PRO D 78 13.38 -9.23 15.02
CA PRO D 78 13.38 -9.07 16.46
C PRO D 78 13.88 -7.72 16.86
N GLU D 79 14.76 -7.12 16.12
CA GLU D 79 15.33 -5.84 16.53
C GLU D 79 15.65 -5.03 15.37
N VAL D 80 15.17 -3.77 15.35
CA VAL D 80 15.61 -2.65 14.45
C VAL D 80 16.58 -1.86 15.30
N VAL D 81 17.78 -1.65 14.91
CA VAL D 81 18.77 -0.88 15.62
C VAL D 81 19.19 0.31 14.86
N CYS D 82 18.90 1.50 15.39
CA CYS D 82 19.36 2.76 14.79
C CYS D 82 20.56 3.23 15.57
N THR D 83 21.72 3.39 14.99
CA THR D 83 22.91 3.54 15.82
C THR D 83 23.03 4.92 16.42
N ASN D 84 22.34 5.91 15.92
CA ASN D 84 22.41 7.29 16.42
C ASN D 84 20.96 7.83 16.56
N ARG D 85 20.58 8.82 15.74
CA ARG D 85 19.24 9.48 15.93
C ARG D 85 18.19 8.78 15.11
N LEU D 86 16.99 8.68 15.69
CA LEU D 86 15.79 8.27 14.98
C LEU D 86 14.83 9.46 15.14
N ILE D 87 14.31 9.96 14.05
CA ILE D 87 13.32 11.01 14.06
C ILE D 87 12.03 10.50 13.49
N THR D 88 10.86 10.80 14.04
CA THR D 88 9.62 10.46 13.42
C THR D 88 8.59 11.58 13.62
N GLY D 89 7.60 11.59 12.77
CA GLY D 89 6.48 12.51 12.93
C GLY D 89 5.69 12.17 14.14
N THR D 90 5.08 11.00 14.17
CA THR D 90 4.32 10.54 15.31
C THR D 90 4.80 9.16 15.71
N LEU D 91 4.47 8.77 16.94
CA LEU D 91 5.00 7.51 17.50
C LEU D 91 3.83 6.76 18.02
N GLU D 92 3.84 5.43 17.82
CA GLU D 92 2.80 4.52 18.41
C GLU D 92 3.55 3.37 18.97
N VAL D 93 3.74 3.27 20.27
CA VAL D 93 4.38 2.13 20.96
C VAL D 93 3.27 1.22 21.47
N GLN D 94 3.29 -0.05 21.05
CA GLN D 94 2.18 -0.94 21.31
C GLN D 94 2.32 -1.72 22.64
N LYS D 95 3.50 -2.11 23.09
N LYS D 95 3.53 -2.10 23.07
CA LYS D 95 3.56 -3.02 24.22
CA LYS D 95 3.81 -3.13 24.10
C LYS D 95 4.42 -2.56 25.38
C LYS D 95 4.88 -2.71 25.09
N GLY D 96 5.25 -1.53 25.23
N GLY D 96 5.05 -1.41 25.20
CA GLY D 96 5.94 -1.01 26.35
CA GLY D 96 5.92 -0.88 26.18
C GLY D 96 7.33 -0.67 25.90
C GLY D 96 7.39 -0.68 25.85
N GLY D 97 8.24 -0.41 26.83
CA GLY D 97 9.60 -0.08 26.48
C GLY D 97 10.46 0.52 27.59
N THR D 98 11.66 0.83 27.25
CA THR D 98 12.61 1.50 28.18
C THR D 98 13.17 2.74 27.56
N MET D 99 13.52 3.72 28.36
CA MET D 99 14.24 4.89 27.93
C MET D 99 15.36 5.15 28.90
N ARG D 100 16.44 5.67 28.42
CA ARG D 100 17.58 6.00 29.26
C ARG D 100 18.09 7.33 28.80
N GLY D 101 18.80 8.03 29.69
CA GLY D 101 19.27 9.40 29.40
C GLY D 101 18.25 10.45 29.61
N ASN D 102 18.54 11.67 29.25
CA ASN D 102 17.58 12.73 29.47
C ASN D 102 16.60 12.77 28.36
N ILE D 103 15.36 12.70 28.71
CA ILE D 103 14.23 12.74 27.75
C ILE D 103 13.45 14.01 28.00
N GLU D 104 13.41 14.92 27.05
CA GLU D 104 12.69 16.20 27.19
C GLU D 104 11.42 16.21 26.41
N HIS D 105 10.35 16.71 26.97
CA HIS D 105 9.11 16.79 26.30
C HIS D 105 8.64 18.22 26.37
N THR D 106 8.01 18.68 25.31
CA THR D 106 7.45 20.01 25.21
C THR D 106 6.30 20.06 24.20
N GLY D 107 5.62 21.22 24.11
CA GLY D 107 4.65 21.37 23.03
C GLY D 107 3.45 20.56 23.22
N GLY D 108 2.94 20.43 24.40
CA GLY D 108 1.72 19.68 24.69
C GLY D 108 1.84 19.01 26.04
N GLU D 109 1.09 17.98 26.22
CA GLU D 109 1.04 17.23 27.48
C GLU D 109 1.65 15.89 27.43
N LEU D 110 2.31 15.48 28.50
CA LEU D 110 2.77 14.10 28.64
C LEU D 110 1.90 13.46 29.70
N SER D 111 0.96 12.61 29.30
CA SER D 111 -0.06 12.07 30.22
C SER D 111 0.08 10.57 30.32
N SER D 112 -0.17 10.03 31.52
CA SER D 112 -0.23 8.59 31.73
C SER D 112 -1.50 8.29 32.51
N ASN D 113 -2.33 7.46 31.85
CA ASN D 113 -3.65 7.09 32.48
C ASN D 113 -4.36 8.35 32.90
N GLY D 114 -4.35 9.40 32.07
CA GLY D 114 -5.07 10.62 32.34
C GLY D 114 -4.32 11.66 33.18
N LYS D 115 -3.19 11.31 33.79
CA LYS D 115 -2.48 12.21 34.71
C LYS D 115 -1.38 12.90 33.99
N VAL D 116 -1.34 14.22 34.07
CA VAL D 116 -0.45 15.07 33.20
C VAL D 116 0.75 15.49 33.97
N LEU D 117 1.96 15.18 33.47
CA LEU D 117 3.17 15.51 34.21
C LEU D 117 3.24 16.98 34.53
N HIS D 118 3.08 17.86 33.51
CA HIS D 118 3.45 19.28 33.86
C HIS D 118 2.41 20.02 34.61
N THR D 119 1.15 19.53 34.70
CA THR D 119 0.10 20.32 35.38
C THR D 119 -0.57 19.63 36.56
N HIS D 120 -0.27 18.38 36.85
CA HIS D 120 -1.06 17.62 37.81
C HIS D 120 -0.89 18.25 39.24
N LYS D 121 -1.93 18.02 40.02
CA LYS D 121 -1.98 18.37 41.41
C LYS D 121 -2.25 17.14 42.26
N HIS D 122 -2.08 17.22 43.58
CA HIS D 122 -2.34 16.10 44.47
C HIS D 122 -3.21 16.60 45.59
N PRO D 123 -3.95 15.72 46.29
CA PRO D 123 -4.45 16.07 47.64
C PRO D 123 -3.22 16.29 48.51
N GLY D 124 -3.28 17.32 49.35
CA GLY D 124 -2.11 17.64 50.23
C GLY D 124 -2.23 16.91 51.54
N ASP D 125 -1.14 16.98 52.31
CA ASP D 125 -1.10 16.25 53.58
C ASP D 125 -1.95 16.79 54.68
N SER D 126 -2.60 17.92 54.48
CA SER D 126 -3.49 18.55 55.47
C SER D 126 -4.91 18.43 55.01
N GLY D 127 -5.20 17.89 53.84
CA GLY D 127 -6.57 17.82 53.37
C GLY D 127 -6.92 18.77 52.30
N GLY D 128 -6.01 19.70 51.92
CA GLY D 128 -6.32 20.61 50.78
C GLY D 128 -5.75 20.02 49.51
N THR D 129 -5.31 20.88 48.62
CA THR D 129 -4.80 20.49 47.31
C THR D 129 -3.46 21.19 47.08
N THR D 130 -2.49 20.44 46.60
CA THR D 130 -1.22 21.08 46.22
C THR D 130 -1.43 21.96 45.01
N GLY D 131 -0.40 22.82 44.73
CA GLY D 131 -0.33 23.46 43.40
C GLY D 131 0.12 22.50 42.32
N SER D 132 0.20 22.96 41.10
CA SER D 132 0.85 22.19 39.99
C SER D 132 2.34 22.16 40.21
N PRO D 133 3.12 21.38 39.49
CA PRO D 133 4.57 21.28 39.81
C PRO D 133 5.28 22.64 39.69
N LEU D 134 6.19 22.85 40.65
CA LEU D 134 7.12 23.98 40.58
C LEU D 134 7.91 23.87 39.28
N SER E 19 35.95 -18.06 -10.01
CA SER E 19 35.58 -19.34 -10.67
C SER E 19 34.94 -19.16 -12.06
N ALA E 20 34.97 -20.20 -12.92
CA ALA E 20 34.43 -20.17 -14.34
C ALA E 20 32.86 -20.09 -14.45
N ASP E 21 32.18 -20.41 -13.36
CA ASP E 21 30.72 -20.40 -13.29
C ASP E 21 30.26 -19.04 -12.75
N ALA E 22 31.20 -18.09 -12.47
CA ALA E 22 30.78 -16.80 -11.82
C ALA E 22 30.15 -15.81 -12.88
N LEU E 23 29.21 -14.92 -12.48
CA LEU E 23 28.78 -13.66 -13.23
C LEU E 23 29.82 -12.57 -12.84
N HIS E 24 30.41 -11.93 -13.83
CA HIS E 24 31.28 -10.84 -13.55
C HIS E 24 31.23 -9.88 -14.66
N ILE E 25 30.79 -8.67 -14.41
CA ILE E 25 30.57 -7.65 -15.47
C ILE E 25 31.24 -6.37 -14.97
N ARG E 26 32.12 -5.80 -15.75
CA ARG E 26 32.91 -4.61 -15.39
C ARG E 26 32.56 -3.59 -16.39
N PHE E 27 32.37 -2.37 -15.93
CA PHE E 27 32.03 -1.26 -16.79
C PHE E 27 33.15 -0.19 -16.83
N PRO E 28 33.09 0.71 -17.83
CA PRO E 28 34.25 1.60 -18.07
C PRO E 28 34.45 2.67 -16.99
N ASP E 29 33.41 2.84 -16.16
CA ASP E 29 33.52 3.73 -15.00
C ASP E 29 34.13 3.03 -13.80
N GLY E 30 34.45 1.70 -13.91
CA GLY E 30 35.03 0.94 -12.79
C GLY E 30 33.98 0.15 -11.96
N ALA E 31 32.71 0.37 -12.31
CA ALA E 31 31.59 -0.36 -11.60
C ALA E 31 31.74 -1.84 -11.90
N VAL E 32 31.35 -2.69 -10.98
CA VAL E 32 31.35 -4.16 -11.16
C VAL E 32 30.06 -4.70 -10.64
N ILE E 33 29.42 -5.58 -11.40
CA ILE E 33 28.35 -6.45 -10.91
C ILE E 33 28.86 -7.85 -10.93
N GLU E 34 28.90 -8.53 -9.79
CA GLU E 34 29.54 -9.89 -9.74
C GLU E 34 28.72 -10.80 -8.90
N TYR E 35 28.57 -12.06 -9.32
CA TYR E 35 28.03 -13.14 -8.47
C TYR E 35 29.05 -14.24 -8.40
N GLU E 36 29.60 -14.59 -7.24
CA GLU E 36 30.63 -15.64 -7.07
C GLU E 36 30.00 -16.83 -6.35
N PRO E 37 29.70 -17.94 -7.04
CA PRO E 37 29.07 -19.07 -6.41
C PRO E 37 29.95 -19.78 -5.35
N GLU E 38 31.25 -19.61 -5.41
CA GLU E 38 32.07 -20.28 -4.39
C GLU E 38 31.75 -19.78 -3.01
N THR E 39 31.49 -18.44 -2.85
CA THR E 39 31.15 -17.83 -1.58
C THR E 39 29.70 -17.40 -1.57
N SER E 40 28.95 -17.64 -2.63
CA SER E 40 27.52 -17.20 -2.76
C SER E 40 27.36 -15.70 -2.48
N ALA E 41 28.20 -14.96 -3.03
CA ALA E 41 28.21 -13.48 -2.77
C ALA E 41 27.81 -12.70 -4.05
N LEU E 42 26.78 -11.87 -3.94
CA LEU E 42 26.37 -10.90 -5.00
C LEU E 42 26.98 -9.55 -4.60
N THR E 43 27.70 -8.90 -5.46
CA THR E 43 28.31 -7.61 -5.15
C THR E 43 28.06 -6.66 -6.27
N VAL E 44 27.64 -5.46 -5.93
CA VAL E 44 27.58 -4.38 -6.87
C VAL E 44 28.48 -3.29 -6.27
N SER E 45 29.44 -2.77 -6.98
CA SER E 45 30.38 -1.83 -6.42
C SER E 45 30.70 -0.76 -7.48
N GLY E 46 31.23 0.37 -7.01
CA GLY E 46 31.83 1.37 -7.83
C GLY E 46 30.81 2.18 -8.59
N ILE E 47 29.52 2.18 -8.14
CA ILE E 47 28.44 2.96 -8.74
C ILE E 47 28.24 4.31 -7.94
N LYS E 48 27.57 5.22 -8.56
CA LYS E 48 27.20 6.42 -7.83
C LYS E 48 25.74 6.26 -7.28
N THR E 49 24.78 5.82 -8.07
CA THR E 49 23.40 5.69 -7.58
C THR E 49 22.88 4.32 -7.98
N ALA E 50 21.94 3.81 -7.20
CA ALA E 50 21.09 2.70 -7.57
C ALA E 50 19.67 3.09 -7.24
N SER E 51 18.71 2.78 -8.10
CA SER E 51 17.33 3.01 -7.78
C SER E 51 16.48 1.87 -8.30
N VAL E 52 15.41 1.56 -7.58
CA VAL E 52 14.37 0.62 -8.02
CA VAL E 52 14.39 0.59 -8.00
C VAL E 52 13.06 1.30 -7.92
N THR E 53 12.30 1.28 -8.95
CA THR E 53 10.94 1.83 -9.00
C THR E 53 9.97 0.70 -9.34
N ALA E 54 9.01 0.39 -8.44
CA ALA E 54 8.14 -0.76 -8.61
C ALA E 54 6.76 -0.34 -8.18
N SER E 55 5.75 -1.06 -8.67
CA SER E 55 4.34 -0.74 -8.35
C SER E 55 3.76 -1.54 -7.24
N GLY E 56 4.43 -2.59 -6.80
CA GLY E 56 3.97 -3.52 -5.80
C GLY E 56 4.78 -3.50 -4.52
N SER E 57 5.90 -4.19 -4.50
CA SER E 57 6.66 -4.32 -3.26
C SER E 57 8.11 -4.56 -3.56
N VAL E 58 8.98 -4.20 -2.65
CA VAL E 58 10.38 -4.71 -2.61
C VAL E 58 10.55 -5.42 -1.29
N THR E 59 10.94 -6.68 -1.34
CA THR E 59 11.09 -7.53 -0.15
C THR E 59 12.55 -8.02 -0.02
N ALA E 60 13.13 -7.99 1.21
CA ALA E 60 14.39 -8.71 1.52
C ALA E 60 14.11 -9.63 2.62
N THR E 61 14.46 -10.92 2.41
CA THR E 61 14.25 -11.99 3.44
C THR E 61 15.62 -12.53 3.73
N VAL E 62 16.22 -12.26 4.87
CA VAL E 62 17.61 -12.57 5.15
C VAL E 62 17.79 -12.32 6.60
N PRO E 63 18.70 -13.01 7.31
CA PRO E 63 18.71 -12.79 8.78
C PRO E 63 19.17 -11.41 9.12
N VAL E 64 20.21 -10.91 8.52
CA VAL E 64 20.80 -9.62 8.84
C VAL E 64 20.67 -8.66 7.66
N VAL E 65 20.11 -7.47 7.94
CA VAL E 65 20.24 -6.33 7.02
C VAL E 65 21.12 -5.32 7.66
N MET E 66 22.11 -4.77 6.98
CA MET E 66 22.97 -3.73 7.47
C MET E 66 23.00 -2.57 6.52
N VAL E 67 22.59 -1.40 6.94
CA VAL E 67 22.65 -0.25 6.09
C VAL E 67 23.69 0.67 6.67
N LYS E 68 24.77 1.02 5.99
CA LYS E 68 25.78 1.92 6.52
C LYS E 68 25.76 3.16 5.71
N ALA E 69 25.10 4.23 6.23
CA ALA E 69 24.75 5.35 5.50
C ALA E 69 25.25 6.61 6.19
N SER E 70 26.39 7.13 5.72
CA SER E 70 27.06 8.18 6.47
C SER E 70 26.26 9.41 6.46
N THR E 71 25.28 9.67 5.67
CA THR E 71 24.48 10.92 5.75
C THR E 71 23.17 10.55 6.48
N ARG E 72 22.27 9.73 5.90
CA ARG E 72 20.85 9.59 6.42
CA ARG E 72 20.92 9.51 6.50
C ARG E 72 20.20 8.41 5.76
N VAL E 73 19.26 7.84 6.46
CA VAL E 73 18.29 6.90 5.87
C VAL E 73 16.95 7.59 6.03
N THR E 74 16.27 7.93 4.96
CA THR E 74 14.97 8.55 5.02
C THR E 74 13.91 7.53 4.55
N LEU E 75 12.86 7.32 5.35
CA LEU E 75 11.76 6.43 5.08
C LEU E 75 10.58 7.37 4.94
N ASP E 76 10.32 7.77 3.69
CA ASP E 76 9.23 8.67 3.39
C ASP E 76 8.00 7.87 3.04
N THR E 77 7.17 7.67 4.06
CA THR E 77 6.06 6.70 3.96
C THR E 77 5.05 7.03 5.04
N PRO E 78 3.79 6.65 4.84
CA PRO E 78 2.81 6.94 5.92
C PRO E 78 3.16 6.22 7.18
N GLU E 79 3.72 5.02 7.13
CA GLU E 79 4.03 4.32 8.34
C GLU E 79 5.25 3.44 8.18
N VAL E 80 6.08 3.48 9.19
CA VAL E 80 7.21 2.51 9.39
C VAL E 80 6.82 1.65 10.55
N VAL E 81 6.77 0.33 10.32
CA VAL E 81 6.31 -0.63 11.30
C VAL E 81 7.42 -1.52 11.73
N CYS E 82 7.81 -1.52 12.96
CA CYS E 82 8.80 -2.48 13.55
C CYS E 82 8.02 -3.52 14.32
N THR E 83 8.13 -4.78 13.94
CA THR E 83 7.21 -5.77 14.49
C THR E 83 7.55 -6.13 15.94
N ASN E 84 8.74 -5.91 16.42
CA ASN E 84 9.13 -6.31 17.74
C ASN E 84 9.88 -5.16 18.38
N ARG E 85 11.15 -5.20 18.63
CA ARG E 85 11.89 -4.14 19.30
C ARG E 85 12.45 -3.13 18.34
N LEU E 86 12.43 -1.86 18.74
CA LEU E 86 13.11 -0.76 18.09
C LEU E 86 14.05 -0.21 19.06
N ILE E 87 15.30 -0.17 18.74
CA ILE E 87 16.41 0.36 19.57
C ILE E 87 17.03 1.52 18.93
N THR E 88 17.19 2.64 19.60
CA THR E 88 17.87 3.78 19.04
C THR E 88 18.78 4.43 20.02
N GLY E 89 19.76 5.15 19.53
CA GLY E 89 20.63 5.94 20.38
C GLY E 89 19.82 7.11 20.93
N THR E 90 19.34 8.02 20.08
CA THR E 90 18.42 9.07 20.51
C THR E 90 17.16 8.98 19.72
N LEU E 91 16.08 9.56 20.28
CA LEU E 91 14.75 9.62 19.69
C LEU E 91 14.27 11.05 19.55
N GLU E 92 13.64 11.44 18.45
CA GLU E 92 12.97 12.72 18.32
C GLU E 92 11.59 12.47 17.76
N VAL E 93 10.54 12.74 18.52
CA VAL E 93 9.12 12.68 18.10
C VAL E 93 8.62 14.06 17.88
N GLN E 94 8.07 14.35 16.73
CA GLN E 94 7.77 15.74 16.37
C GLN E 94 6.39 16.16 16.66
N LYS E 95 5.40 15.30 16.54
CA LYS E 95 4.02 15.66 16.56
C LYS E 95 3.21 14.69 17.46
N GLY E 96 3.80 14.17 18.48
CA GLY E 96 3.06 13.42 19.48
C GLY E 96 2.90 11.95 19.14
N GLY E 97 1.99 11.35 19.89
CA GLY E 97 1.63 9.92 19.69
C GLY E 97 1.21 9.31 20.95
N THR E 98 1.30 7.99 20.97
CA THR E 98 0.72 7.19 22.09
C THR E 98 1.70 6.10 22.49
N MET E 99 1.63 5.68 23.75
CA MET E 99 2.40 4.53 24.27
C MET E 99 1.46 3.72 25.07
N ARG E 100 1.58 2.41 24.92
CA ARG E 100 0.84 1.44 25.70
C ARG E 100 1.77 0.48 26.34
N GLY E 101 1.43 -0.04 27.51
CA GLY E 101 2.29 -0.93 28.20
C GLY E 101 3.20 -0.25 29.17
N ASN E 102 4.03 -0.90 29.96
CA ASN E 102 4.92 -0.20 30.86
C ASN E 102 6.02 0.46 30.12
N ILE E 103 6.31 1.68 30.51
CA ILE E 103 7.41 2.53 29.92
C ILE E 103 8.33 2.83 31.11
N GLU E 104 9.53 2.31 31.10
CA GLU E 104 10.42 2.42 32.27
C GLU E 104 11.62 3.27 31.86
N HIS E 105 11.66 4.48 32.39
CA HIS E 105 12.76 5.42 32.13
C HIS E 105 13.75 5.40 33.26
N THR E 106 15.04 5.39 32.98
CA THR E 106 16.08 5.37 34.03
C THR E 106 17.22 6.18 33.55
N GLY E 107 18.18 6.46 34.44
CA GLY E 107 19.46 7.02 34.01
C GLY E 107 19.40 8.38 33.43
N GLY E 108 18.74 9.27 34.13
CA GLY E 108 18.63 10.71 33.74
C GLY E 108 17.26 11.23 34.13
N GLU E 109 16.84 12.29 33.49
CA GLU E 109 15.58 13.02 33.82
C GLU E 109 14.60 12.82 32.70
N LEU E 110 13.34 12.59 33.02
CA LEU E 110 12.22 12.63 32.04
C LEU E 110 11.46 13.84 32.42
N SER E 111 11.46 14.86 31.57
CA SER E 111 10.86 16.15 31.86
C SER E 111 9.78 16.51 30.87
N SER E 112 8.73 17.19 31.30
CA SER E 112 7.75 17.76 30.37
C SER E 112 7.52 19.17 30.77
N ASN E 113 7.74 20.08 29.82
CA ASN E 113 7.62 21.50 30.03
C ASN E 113 8.48 21.89 31.26
N GLY E 114 9.65 21.29 31.37
CA GLY E 114 10.49 21.67 32.47
C GLY E 114 10.31 20.81 33.73
N LYS E 115 9.17 20.14 33.91
CA LYS E 115 8.86 19.45 35.19
C LYS E 115 9.38 18.02 35.12
N VAL E 116 10.23 17.67 36.11
CA VAL E 116 10.96 16.40 36.06
C VAL E 116 10.14 15.32 36.78
N LEU E 117 9.87 14.21 36.13
CA LEU E 117 8.97 13.22 36.76
C LEU E 117 9.58 12.72 38.12
N HIS E 118 10.85 12.38 38.15
CA HIS E 118 11.34 11.70 39.36
C HIS E 118 11.74 12.63 40.47
N THR E 119 11.80 13.96 40.24
CA THR E 119 12.20 14.90 41.29
C THR E 119 11.29 16.04 41.51
N HIS E 120 10.31 16.29 40.66
CA HIS E 120 9.52 17.49 40.79
C HIS E 120 8.86 17.61 42.13
N LYS E 121 8.55 18.88 42.47
CA LYS E 121 7.86 19.24 43.70
C LYS E 121 6.68 20.09 43.41
N HIS E 122 5.82 20.31 44.41
CA HIS E 122 4.65 21.14 44.26
C HIS E 122 4.58 22.15 45.44
N PRO E 123 3.95 23.28 45.25
CA PRO E 123 3.47 24.01 46.44
C PRO E 123 2.59 23.11 47.27
N GLY E 124 2.84 23.00 48.54
CA GLY E 124 2.03 22.16 49.37
C GLY E 124 0.74 22.82 49.80
N ASP E 125 -0.11 22.07 50.50
CA ASP E 125 -1.38 22.63 50.92
C ASP E 125 -1.39 23.52 52.12
N SER E 126 -0.24 23.77 52.72
CA SER E 126 -0.09 24.68 53.87
C SER E 126 0.81 25.83 53.50
N GLY E 127 1.06 26.06 52.24
CA GLY E 127 1.91 27.17 51.87
C GLY E 127 3.37 26.83 51.65
N GLY E 128 3.77 25.63 51.98
CA GLY E 128 5.20 25.32 51.87
C GLY E 128 5.50 24.60 50.57
N THR E 129 6.47 23.71 50.61
CA THR E 129 6.80 22.91 49.40
C THR E 129 6.67 21.43 49.80
N THR E 130 6.22 20.63 48.83
CA THR E 130 6.34 19.17 49.00
C THR E 130 7.79 18.78 48.80
N GLY E 131 8.10 17.56 49.09
CA GLY E 131 9.39 16.95 48.60
C GLY E 131 9.21 16.31 47.26
N SER E 132 10.27 15.71 46.70
CA SER E 132 10.21 14.99 45.45
C SER E 132 9.42 13.71 45.65
N PRO E 133 9.00 13.03 44.60
CA PRO E 133 8.18 11.80 44.72
C PRO E 133 8.82 10.80 45.61
N LEU E 134 7.98 10.17 46.47
CA LEU E 134 8.47 9.08 47.39
C LEU E 134 8.95 7.93 46.67
N VAL F 18 19.58 -3.82 -25.03
CA VAL F 18 18.87 -4.92 -25.79
C VAL F 18 17.48 -5.27 -25.27
N SER F 19 16.67 -5.86 -26.05
CA SER F 19 15.31 -6.38 -25.60
C SER F 19 15.36 -7.88 -25.29
N ALA F 20 14.86 -8.33 -24.20
CA ALA F 20 14.99 -9.73 -23.82
C ALA F 20 13.67 -10.20 -23.49
N ASP F 21 13.32 -11.47 -23.77
CA ASP F 21 11.98 -11.93 -23.40
C ASP F 21 11.78 -12.16 -21.86
N ALA F 22 12.91 -12.48 -21.24
CA ALA F 22 12.92 -12.79 -19.79
C ALA F 22 14.35 -12.97 -19.44
N LEU F 23 14.52 -13.25 -18.17
CA LEU F 23 15.94 -13.42 -17.73
C LEU F 23 15.92 -14.53 -16.69
N HIS F 24 16.63 -15.66 -16.84
CA HIS F 24 16.77 -16.64 -15.73
C HIS F 24 18.15 -17.14 -15.73
N ILE F 25 18.98 -16.70 -14.78
CA ILE F 25 20.41 -17.08 -14.67
C ILE F 25 20.57 -17.90 -13.41
N ARG F 26 21.13 -19.09 -13.49
CA ARG F 26 21.26 -20.03 -12.38
C ARG F 26 22.71 -20.40 -12.21
N PHE F 27 23.13 -20.58 -10.98
CA PHE F 27 24.52 -20.86 -10.66
C PHE F 27 24.59 -22.20 -9.95
N PRO F 28 25.87 -22.75 -9.88
CA PRO F 28 25.98 -24.10 -9.30
C PRO F 28 25.87 -24.22 -7.79
N ASP F 29 25.77 -23.06 -7.11
CA ASP F 29 25.50 -22.97 -5.66
C ASP F 29 24.00 -22.91 -5.41
N GLY F 30 23.15 -22.99 -6.45
CA GLY F 30 21.70 -22.86 -6.21
C GLY F 30 21.19 -21.41 -6.36
N ALA F 31 22.05 -20.44 -6.55
CA ALA F 31 21.54 -19.05 -6.64
C ALA F 31 20.81 -18.91 -7.99
N VAL F 32 19.79 -18.05 -8.00
CA VAL F 32 19.03 -17.69 -9.21
C VAL F 32 18.91 -16.17 -9.27
N ILE F 33 19.12 -15.55 -10.41
CA ILE F 33 18.73 -14.16 -10.65
C ILE F 33 17.81 -14.20 -11.82
N GLU F 34 16.56 -13.74 -11.64
CA GLU F 34 15.53 -13.90 -12.66
C GLU F 34 14.65 -12.68 -12.78
N TYR F 35 14.11 -12.48 -13.97
CA TYR F 35 13.06 -11.49 -14.16
C TYR F 35 12.01 -12.14 -15.01
N GLU F 36 10.76 -12.24 -14.55
CA GLU F 36 9.67 -12.88 -15.21
C GLU F 36 8.65 -11.77 -15.58
N PRO F 37 8.56 -11.44 -16.86
CA PRO F 37 7.54 -10.41 -17.29
C PRO F 37 6.10 -10.84 -17.06
N GLU F 38 5.75 -12.12 -16.96
CA GLU F 38 4.33 -12.53 -16.70
C GLU F 38 3.84 -11.96 -15.41
N THR F 39 4.71 -11.98 -14.38
CA THR F 39 4.33 -11.48 -13.05
C THR F 39 5.06 -10.17 -12.78
N SER F 40 5.90 -9.66 -13.65
CA SER F 40 6.74 -8.49 -13.53
C SER F 40 7.52 -8.56 -12.22
N ALA F 41 8.14 -9.72 -11.99
CA ALA F 41 8.79 -10.01 -10.73
C ALA F 41 10.28 -10.17 -10.95
N LEU F 42 11.11 -9.39 -10.29
CA LEU F 42 12.59 -9.54 -10.21
C LEU F 42 12.87 -10.31 -8.97
N THR F 43 13.61 -11.41 -9.09
CA THR F 43 13.93 -12.30 -7.96
C THR F 43 15.39 -12.63 -7.89
N VAL F 44 16.01 -12.46 -6.76
CA VAL F 44 17.40 -12.93 -6.45
C VAL F 44 17.20 -13.89 -5.33
N SER F 45 17.56 -15.18 -5.48
CA SER F 45 17.32 -16.19 -4.43
C SER F 45 18.53 -17.11 -4.35
N GLY F 46 18.61 -17.77 -3.19
CA GLY F 46 19.62 -18.83 -3.00
C GLY F 46 20.98 -18.27 -2.85
N ILE F 47 21.17 -17.03 -2.45
CA ILE F 47 22.47 -16.50 -2.21
C ILE F 47 22.80 -16.44 -0.68
N LYS F 48 24.07 -16.19 -0.38
CA LYS F 48 24.36 -16.04 1.04
C LYS F 48 24.52 -14.52 1.37
N THR F 49 25.23 -13.76 0.63
CA THR F 49 25.32 -12.33 0.95
C THR F 49 25.08 -11.56 -0.31
N ALA F 50 24.50 -10.35 -0.13
CA ALA F 50 24.44 -9.31 -1.19
C ALA F 50 25.04 -8.08 -0.62
N SER F 51 25.77 -7.30 -1.39
CA SER F 51 26.16 -5.99 -0.96
C SER F 51 26.21 -5.02 -2.09
N VAL F 52 25.75 -3.80 -1.85
CA VAL F 52 25.79 -2.71 -2.79
C VAL F 52 26.58 -1.61 -2.17
N THR F 53 27.58 -1.11 -2.83
CA THR F 53 28.40 0.00 -2.40
C THR F 53 28.33 1.04 -3.42
N ALA F 54 27.90 2.26 -3.04
CA ALA F 54 27.62 3.38 -3.92
C ALA F 54 28.08 4.65 -3.30
N SER F 55 28.56 5.58 -4.11
CA SER F 55 29.09 6.80 -3.57
C SER F 55 28.02 7.86 -3.35
N GLY F 56 26.81 7.76 -3.91
CA GLY F 56 25.84 8.84 -3.89
C GLY F 56 24.61 8.40 -3.07
N SER F 57 23.76 7.57 -3.69
CA SER F 57 22.48 7.18 -3.01
C SER F 57 21.96 5.88 -3.51
N VAL F 58 21.17 5.24 -2.69
CA VAL F 58 20.34 4.09 -3.10
C VAL F 58 18.91 4.45 -2.77
N THR F 59 18.02 4.32 -3.72
CA THR F 59 16.62 4.71 -3.57
C THR F 59 15.67 3.60 -3.94
N ALA F 60 14.58 3.42 -3.21
CA ALA F 60 13.52 2.53 -3.66
C ALA F 60 12.25 3.34 -3.67
N THR F 61 11.49 3.37 -4.74
CA THR F 61 10.18 4.06 -4.86
C THR F 61 9.19 2.95 -5.16
N VAL F 62 8.36 2.57 -4.18
CA VAL F 62 7.50 1.41 -4.32
C VAL F 62 6.50 1.52 -3.20
N PRO F 63 5.26 1.05 -3.31
CA PRO F 63 4.32 1.29 -2.22
C PRO F 63 4.70 0.62 -0.93
N VAL F 64 5.23 -0.63 -1.03
CA VAL F 64 5.52 -1.45 0.14
C VAL F 64 7.00 -1.84 0.10
N VAL F 65 7.70 -1.60 1.19
CA VAL F 65 9.00 -2.30 1.42
C VAL F 65 8.77 -3.24 2.57
N MET F 66 9.14 -4.52 2.46
CA MET F 66 9.04 -5.50 3.52
C MET F 66 10.39 -6.12 3.78
N VAL F 67 10.92 -6.00 4.98
CA VAL F 67 12.18 -6.69 5.34
C VAL F 67 11.82 -7.76 6.33
N LYS F 68 12.10 -9.02 6.06
CA LYS F 68 11.87 -10.09 7.00
C LYS F 68 13.23 -10.57 7.44
N ALA F 69 13.72 -10.11 8.58
CA ALA F 69 15.12 -10.31 8.98
C ALA F 69 15.14 -10.92 10.37
N SER F 70 15.34 -12.24 10.42
CA SER F 70 15.12 -12.97 11.70
C SER F 70 16.22 -12.71 12.68
N THR F 71 17.29 -12.08 12.40
CA THR F 71 18.27 -11.62 13.37
C THR F 71 18.05 -10.10 13.63
N ARG F 72 18.40 -9.21 12.72
CA ARG F 72 18.41 -7.73 13.07
C ARG F 72 18.47 -6.92 11.79
N VAL F 73 17.86 -5.75 11.81
CA VAL F 73 18.04 -4.74 10.82
C VAL F 73 18.81 -3.69 11.53
N THR F 74 19.96 -3.30 11.06
CA THR F 74 20.79 -2.21 11.65
C THR F 74 20.88 -1.10 10.64
N LEU F 75 20.49 0.12 11.10
CA LEU F 75 20.59 1.29 10.35
C LEU F 75 21.71 2.12 10.98
N ASP F 76 22.90 1.99 10.42
CA ASP F 76 24.09 2.57 10.97
C ASP F 76 24.29 3.88 10.26
N THR F 77 23.75 4.96 10.81
CA THR F 77 23.67 6.21 10.19
C THR F 77 23.56 7.34 11.20
N PRO F 78 23.88 8.55 10.87
CA PRO F 78 23.63 9.63 11.84
C PRO F 78 22.15 9.81 12.11
N GLU F 79 21.28 9.62 11.15
CA GLU F 79 19.88 9.84 11.38
C GLU F 79 19.00 8.95 10.48
N VAL F 80 18.05 8.30 11.08
CA VAL F 80 16.88 7.65 10.43
C VAL F 80 15.73 8.58 10.52
N VAL F 81 15.15 8.94 9.44
CA VAL F 81 13.99 9.81 9.46
C VAL F 81 12.74 9.12 8.98
N CYS F 82 11.70 9.03 9.74
CA CYS F 82 10.41 8.51 9.34
C CYS F 82 9.53 9.71 9.14
N THR F 83 9.01 9.94 7.94
CA THR F 83 8.33 11.21 7.69
C THR F 83 6.96 11.28 8.28
N ASN F 84 6.35 10.22 8.72
CA ASN F 84 5.02 10.26 9.26
C ASN F 84 4.92 9.43 10.52
N ARG F 85 4.27 8.26 10.49
CA ARG F 85 4.10 7.47 11.69
C ARG F 85 5.19 6.41 11.83
N LEU F 86 5.59 6.12 13.08
CA LEU F 86 6.47 5.01 13.46
C LEU F 86 5.65 4.17 14.44
N ILE F 87 5.51 2.91 14.15
CA ILE F 87 4.80 1.92 15.03
C ILE F 87 5.82 0.94 15.48
N THR F 88 5.86 0.59 16.74
CA THR F 88 6.78 -0.47 17.16
C THR F 88 6.10 -1.27 18.24
N GLY F 89 6.53 -2.51 18.37
CA GLY F 89 6.06 -3.36 19.49
C GLY F 89 6.62 -2.83 20.78
N THR F 90 7.89 -2.79 20.91
CA THR F 90 8.55 -2.15 22.04
C THR F 90 9.61 -1.19 21.62
N LEU F 91 9.90 -0.22 22.49
CA LEU F 91 10.86 0.82 22.24
C LEU F 91 12.03 0.77 23.22
N GLU F 92 13.25 1.01 22.81
CA GLU F 92 14.43 1.13 23.69
C GLU F 92 15.20 2.36 23.25
N VAL F 93 15.21 3.41 24.04
CA VAL F 93 15.95 4.59 23.74
C VAL F 93 17.19 4.52 24.62
N GLN F 94 18.40 4.64 24.08
CA GLN F 94 19.60 4.39 24.90
C GLN F 94 20.25 5.63 25.42
N LYS F 95 20.18 6.76 24.76
CA LYS F 95 20.98 7.93 25.12
C LYS F 95 20.14 9.24 24.98
N GLY F 96 18.94 9.23 25.33
CA GLY F 96 18.12 10.40 25.47
C GLY F 96 17.29 10.71 24.28
N GLY F 97 16.62 11.82 24.38
CA GLY F 97 15.72 12.16 23.24
C GLY F 97 14.78 13.28 23.57
N THR F 98 13.96 13.60 22.64
CA THR F 98 13.01 14.70 22.73
C THR F 98 11.68 14.26 22.21
N MET F 99 10.62 14.73 22.78
CA MET F 99 9.27 14.56 22.25
C MET F 99 8.55 15.87 22.22
N ARG F 100 7.76 16.11 21.21
CA ARG F 100 6.99 17.34 21.07
C ARG F 100 5.60 16.91 20.66
N GLY F 101 4.59 17.63 21.11
CA GLY F 101 3.21 17.27 20.87
C GLY F 101 2.63 16.48 22.01
N ASN F 102 1.37 16.16 22.00
CA ASN F 102 0.83 15.34 23.14
C ASN F 102 1.25 13.91 23.03
N ILE F 103 1.80 13.42 24.11
CA ILE F 103 2.23 12.01 24.24
C ILE F 103 1.29 11.37 25.28
N GLU F 104 0.48 10.41 24.83
CA GLU F 104 -0.60 9.84 25.69
C GLU F 104 -0.25 8.42 25.98
N HIS F 105 0.11 8.15 27.22
CA HIS F 105 0.43 6.78 27.68
C HIS F 105 -0.81 6.23 28.39
N THR F 106 -1.10 4.94 28.13
CA THR F 106 -2.21 4.27 28.82
C THR F 106 -1.84 2.83 28.91
N GLY F 107 -2.22 2.21 30.02
N GLY F 107 -2.55 2.08 29.69
CA GLY F 107 -2.15 0.77 30.27
CA GLY F 107 -2.38 0.62 29.61
C GLY F 107 -0.79 0.45 30.86
C GLY F 107 -1.13 0.12 30.35
N GLY F 108 -0.71 0.04 32.11
N GLY F 108 -0.75 0.74 31.47
CA GLY F 108 0.55 -0.09 32.81
CA GLY F 108 0.46 0.37 32.19
C GLY F 108 0.92 1.31 33.35
C GLY F 108 0.95 1.50 33.07
N GLU F 109 2.21 1.43 33.54
CA GLU F 109 2.82 2.54 34.27
C GLU F 109 3.78 3.27 33.35
N LEU F 110 3.94 4.57 33.60
CA LEU F 110 5.02 5.36 32.99
C LEU F 110 5.88 5.81 34.15
N SER F 111 7.05 5.24 34.27
CA SER F 111 7.92 5.48 35.45
C SER F 111 9.28 6.04 35.10
N SER F 112 9.77 6.93 35.92
CA SER F 112 11.13 7.37 35.76
C SER F 112 11.92 7.24 37.06
N ASN F 113 13.01 6.50 37.03
CA ASN F 113 13.72 6.22 38.30
C ASN F 113 12.76 5.65 39.34
N GLY F 114 11.84 4.81 38.92
CA GLY F 114 10.91 4.15 39.83
C GLY F 114 9.76 5.00 40.21
N LYS F 115 9.68 6.28 39.83
CA LYS F 115 8.59 7.18 40.21
C LYS F 115 7.51 7.18 39.12
N VAL F 116 6.28 6.81 39.48
CA VAL F 116 5.23 6.46 38.50
C VAL F 116 4.36 7.66 38.31
N LEU F 117 4.17 8.13 37.08
CA LEU F 117 3.40 9.32 36.89
C LEU F 117 1.99 9.23 37.47
N HIS F 118 1.25 8.13 37.18
CA HIS F 118 -0.17 8.18 37.56
C HIS F 118 -0.45 7.88 39.03
N THR F 119 0.55 7.40 39.78
CA THR F 119 0.30 6.97 41.19
C THR F 119 1.26 7.55 42.23
N HIS F 120 2.26 8.33 41.81
CA HIS F 120 3.27 8.81 42.81
C HIS F 120 2.62 9.75 43.83
N LYS F 121 3.29 9.78 44.96
CA LYS F 121 2.98 10.78 46.00
C LYS F 121 4.27 11.45 46.42
N HIS F 122 4.14 12.45 47.28
CA HIS F 122 5.27 13.26 47.74
C HIS F 122 5.21 13.37 49.29
N PRO F 123 6.35 13.61 49.97
CA PRO F 123 6.24 14.20 51.31
C PRO F 123 5.51 15.50 51.22
N GLY F 124 4.52 15.73 52.07
CA GLY F 124 3.76 16.97 52.11
C GLY F 124 4.48 18.06 52.89
N ASP F 125 3.85 19.21 52.99
CA ASP F 125 4.47 20.33 53.69
C ASP F 125 4.12 20.38 55.13
N SER F 126 3.54 19.39 55.76
CA SER F 126 3.24 19.41 57.19
C SER F 126 3.75 18.18 57.89
N GLY F 127 4.60 17.39 57.24
CA GLY F 127 5.07 16.19 57.97
C GLY F 127 4.47 14.88 57.54
N GLY F 128 3.48 14.90 56.63
CA GLY F 128 2.85 13.72 56.20
C GLY F 128 3.22 13.49 54.73
N THR F 129 2.31 12.81 53.98
CA THR F 129 2.41 12.63 52.52
C THR F 129 1.18 13.18 51.82
N THR F 130 1.41 13.56 50.56
CA THR F 130 0.29 13.87 49.68
C THR F 130 -0.43 12.59 49.25
N GLY F 131 -1.58 12.83 48.56
CA GLY F 131 -2.13 11.70 47.77
C GLY F 131 -1.46 11.53 46.46
N SER F 132 -1.98 10.72 45.56
CA SER F 132 -1.47 10.61 44.23
C SER F 132 -2.17 11.65 43.32
N PRO F 133 -1.80 11.73 42.02
CA PRO F 133 -2.34 12.84 41.20
C PRO F 133 -3.82 12.83 41.09
N LEU F 134 -4.43 14.00 41.16
CA LEU F 134 -5.91 14.12 40.92
C LEU F 134 -6.33 13.89 39.56
FE FE2 G . -3.97 -16.21 -41.62
CL CL H . -0.63 -20.34 -50.85
CA CA I . 0.56 -21.78 -54.22
FE FE2 J . 3.57 15.20 41.64
CA CA K . 0.12 20.54 54.62
CL CL L . 1.08 19.10 51.17
#